data_6LBP
#
_entry.id   6LBP
#
_cell.length_a   179.736
_cell.length_b   179.736
_cell.length_c   109.199
_cell.angle_alpha   90.000
_cell.angle_beta   90.000
_cell.angle_gamma   120.000
#
_symmetry.space_group_name_H-M   'P 31 2 1'
#
loop_
_entity.id
_entity.type
_entity.pdbx_description
1 polymer 'Amidophosphoribosyltransferase 2, chloroplastic'
2 non-polymer 'IRON/SULFUR CLUSTER'
#
_entity_poly.entity_id   1
_entity_poly.type   'polypeptide(L)'
_entity_poly.pdbx_seq_one_letter_code
;DNDDYDEKPREECGVVGIYGDSEASRLCYLALHALQHRGQEGAGIVTVSKDKVLQTITGVGLVSEVFSESKLDQLPGDIA
IGHVRYSTAGSSMLKNVQPFVAGYRFGSVGVAHNGNLVNYTKLRADLEENGSIFNTSSDTEVVLHLIAISKARPFFMRIV
DACEKLQGAYSMVFVTEDKLVAVRDPHGFRPLVMGRRSNGAVVFASETCALDLIEATYEREVYPGEVLVVDKDGVKCQCL
MPHPEPKQCIFEHIYFSLPNSIVFGRSVYESRHVFGEILATESPVDCDVVIAVPDSGVVAALGYAAKAGVAFQQGLIRSH
YVGRTFIEPSQKIRDFGVKLKLSPVRGVLEGKRVVVVDDSIVRGTTSSKIVRLLREAGAKEVHMRIASPPIIASCYYGVD
TPSSNELISNRMSVDEIRDYIGCDSLAFLSFETLKKHLGEDSRSFCYACFTGDYPVKPTEDKVKRGGDFIDDGLVGGIHN
IEGGWVR
;
_entity_poly.pdbx_strand_id   A,B
#
loop_
_chem_comp.id
_chem_comp.type
_chem_comp.name
_chem_comp.formula
SF4 non-polymer 'IRON/SULFUR CLUSTER' 'Fe4 S4'
#
# COMPACT_ATOMS: atom_id res chain seq x y z
N CYS A 13 6.49 16.59 -9.35
CA CYS A 13 6.31 17.16 -8.01
C CYS A 13 4.87 17.66 -7.74
N GLY A 14 4.57 18.17 -6.56
CA GLY A 14 3.23 18.64 -6.27
C GLY A 14 3.28 19.88 -5.40
N VAL A 15 2.28 20.75 -5.56
CA VAL A 15 2.23 21.98 -4.79
C VAL A 15 0.86 22.12 -4.14
N VAL A 16 0.83 22.89 -3.06
CA VAL A 16 -0.35 23.15 -2.23
C VAL A 16 -0.28 24.58 -1.68
N GLY A 17 -1.42 25.24 -1.60
CA GLY A 17 -1.51 26.50 -0.87
C GLY A 17 -2.84 26.62 -0.15
N ILE A 18 -2.85 27.24 1.04
CA ILE A 18 -4.05 27.49 1.84
C ILE A 18 -3.98 28.93 2.30
N TYR A 19 -5.07 29.66 2.10
CA TYR A 19 -5.24 30.98 2.68
C TYR A 19 -6.49 30.97 3.55
N GLY A 20 -6.37 31.53 4.74
CA GLY A 20 -7.52 31.81 5.57
C GLY A 20 -7.99 30.65 6.43
N ASP A 21 -7.04 29.98 7.10
CA ASP A 21 -7.39 28.89 7.99
C ASP A 21 -6.35 28.79 9.08
N SER A 22 -6.82 28.77 10.33
CA SER A 22 -5.97 28.76 11.51
C SER A 22 -5.18 27.47 11.64
N GLU A 23 -5.50 26.45 10.84
CA GLU A 23 -4.74 25.21 10.78
C GLU A 23 -4.01 25.02 9.46
N ALA A 24 -3.43 26.11 8.93
CA ALA A 24 -2.84 26.09 7.60
C ALA A 24 -1.74 25.04 7.46
N SER A 25 -0.84 24.94 8.45
CA SER A 25 0.25 23.98 8.34
C SER A 25 -0.27 22.55 8.36
N ARG A 26 -1.22 22.25 9.26
CA ARG A 26 -1.76 20.90 9.37
C ARG A 26 -2.47 20.48 8.08
N LEU A 27 -3.32 21.36 7.56
CA LEU A 27 -4.03 21.12 6.31
C LEU A 27 -3.06 21.00 5.13
N CYS A 28 -1.99 21.76 5.14
CA CYS A 28 -0.98 21.65 4.10
C CYS A 28 -0.30 20.30 4.16
N TYR A 29 0.06 19.87 5.36
CA TYR A 29 0.61 18.54 5.59
C TYR A 29 -0.33 17.47 5.05
N LEU A 30 -1.62 17.57 5.36
CA LEU A 30 -2.54 16.54 4.87
C LEU A 30 -2.63 16.54 3.35
N ALA A 31 -2.68 17.72 2.73
CA ALA A 31 -2.78 17.77 1.28
C ALA A 31 -1.51 17.28 0.61
N LEU A 32 -0.35 17.62 1.18
CA LEU A 32 0.88 17.04 0.69
C LEU A 32 0.86 15.53 0.83
N HIS A 33 0.28 15.02 1.91
CA HIS A 33 0.16 13.58 2.03
C HIS A 33 -0.69 13.02 0.90
N ALA A 34 -1.82 13.66 0.63
CA ALA A 34 -2.69 13.24 -0.45
C ALA A 34 -2.03 13.36 -1.82
N LEU A 35 -0.92 14.09 -1.93
CA LEU A 35 -0.20 14.20 -3.19
C LEU A 35 1.12 13.45 -3.14
N GLN A 36 1.38 12.69 -2.09
CA GLN A 36 2.69 12.08 -1.91
C GLN A 36 3.19 11.32 -3.14
N HIS A 37 2.27 10.76 -3.94
CA HIS A 37 2.71 10.04 -5.15
C HIS A 37 3.48 10.93 -6.14
N ARG A 38 3.19 12.24 -6.13
CA ARG A 38 3.84 13.16 -7.05
C ARG A 38 5.32 13.33 -6.74
N GLY A 39 5.74 13.12 -5.50
CA GLY A 39 7.16 13.21 -5.18
C GLY A 39 7.53 12.68 -3.80
N GLN A 40 8.46 11.70 -3.75
CA GLN A 40 8.81 11.04 -2.50
C GLN A 40 10.17 11.41 -1.94
N GLU A 41 10.97 12.19 -2.66
CA GLU A 41 12.35 12.46 -2.27
C GLU A 41 12.44 13.56 -1.23
N GLY A 42 11.49 14.51 -1.23
CA GLY A 42 11.53 15.60 -0.28
C GLY A 42 10.16 16.14 0.04
N ALA A 43 10.08 17.00 1.07
CA ALA A 43 8.85 17.72 1.40
C ALA A 43 9.17 19.01 2.14
N GLY A 44 8.21 19.92 2.20
CA GLY A 44 8.43 21.17 2.90
C GLY A 44 7.18 22.01 2.97
N ILE A 45 7.14 22.87 4.00
CA ILE A 45 6.03 23.79 4.20
C ILE A 45 6.57 25.16 4.61
N VAL A 46 5.86 26.21 4.18
CA VAL A 46 6.10 27.59 4.59
C VAL A 46 4.77 28.17 5.05
N THR A 47 4.75 28.71 6.28
CA THR A 47 3.55 29.28 6.92
C THR A 47 3.82 30.67 7.47
N VAL A 48 2.84 31.56 7.32
CA VAL A 48 2.93 32.95 7.77
C VAL A 48 2.38 33.06 9.19
N SER A 49 3.25 33.38 10.14
CA SER A 49 2.87 33.58 11.53
C SER A 49 1.90 34.77 11.67
N LYS A 50 1.29 34.87 12.84
CA LYS A 50 0.39 36.01 13.07
C LYS A 50 1.16 37.32 13.09
N ASP A 51 2.46 37.29 13.33
CA ASP A 51 3.30 38.47 13.30
C ASP A 51 3.88 38.72 11.91
N LYS A 52 3.38 38.02 10.89
CA LYS A 52 3.80 38.24 9.50
C LYS A 52 5.26 37.85 9.25
N VAL A 53 5.72 36.74 9.84
CA VAL A 53 7.02 36.18 9.48
C VAL A 53 6.80 34.82 8.84
N LEU A 54 7.64 34.52 7.86
CA LEU A 54 7.53 33.30 7.07
C LEU A 54 8.35 32.23 7.78
N GLN A 55 7.68 31.34 8.47
CA GLN A 55 8.32 30.21 9.10
C GLN A 55 8.32 29.05 8.13
N THR A 56 9.46 28.38 7.97
CA THR A 56 9.60 27.30 7.00
C THR A 56 10.28 26.10 7.65
N ILE A 57 9.77 24.89 7.38
CA ILE A 57 10.49 23.68 7.76
C ILE A 57 10.43 22.69 6.60
N THR A 58 11.57 22.09 6.30
CA THR A 58 11.84 21.51 4.98
C THR A 58 12.86 20.40 5.08
N GLY A 59 12.56 19.23 4.52
CA GLY A 59 13.49 18.14 4.64
C GLY A 59 13.41 17.09 3.55
N VAL A 60 14.32 16.11 3.66
CA VAL A 60 14.44 14.98 2.74
C VAL A 60 13.61 13.83 3.27
N GLY A 61 12.83 13.20 2.39
CA GLY A 61 12.02 12.06 2.81
C GLY A 61 10.53 12.19 2.55
N LEU A 62 9.69 11.38 3.18
CA LEU A 62 8.26 11.49 2.90
C LEU A 62 7.64 12.60 3.73
N VAL A 63 6.38 12.94 3.47
CA VAL A 63 5.76 14.00 4.26
C VAL A 63 5.69 13.59 5.72
N SER A 64 5.45 12.29 6.00
CA SER A 64 5.36 11.83 7.38
C SER A 64 6.74 11.74 8.02
N GLU A 65 7.76 11.39 7.22
CA GLU A 65 9.12 11.40 7.71
C GLU A 65 9.67 12.81 7.92
N VAL A 66 9.10 13.81 7.26
CA VAL A 66 9.66 15.15 7.40
C VAL A 66 8.95 15.90 8.51
N PHE A 67 7.65 15.69 8.66
CA PHE A 67 6.82 16.43 9.61
C PHE A 67 6.29 15.54 10.71
N SER A 68 6.65 15.86 11.95
CA SER A 68 6.04 15.32 13.16
C SER A 68 5.05 16.34 13.70
N GLU A 69 4.15 15.86 14.57
CA GLU A 69 3.24 16.77 15.24
C GLU A 69 4.01 17.85 15.99
N SER A 70 5.20 17.51 16.51
CA SER A 70 6.03 18.52 17.17
C SER A 70 6.41 19.64 16.21
N LYS A 71 6.73 19.29 14.95
CA LYS A 71 7.18 20.28 13.98
C LYS A 71 6.00 21.08 13.38
N LEU A 72 4.90 20.41 13.03
CA LEU A 72 3.69 21.15 12.69
C LEU A 72 3.34 22.17 13.76
N ASP A 73 3.67 21.87 15.03
CA ASP A 73 3.36 22.80 16.09
C ASP A 73 4.17 24.09 15.99
N GLN A 74 5.34 24.06 15.32
CA GLN A 74 6.18 25.23 15.16
C GLN A 74 5.79 26.09 13.95
N LEU A 75 4.65 25.80 13.32
CA LEU A 75 4.21 26.53 12.14
C LEU A 75 2.80 27.05 12.35
N PRO A 76 2.60 27.99 13.27
CA PRO A 76 1.27 28.58 13.43
C PRO A 76 1.02 29.64 12.36
N GLY A 77 -0.23 29.80 11.99
CA GLY A 77 -0.54 30.88 11.07
C GLY A 77 -1.71 30.56 10.17
N ASP A 78 -2.08 31.57 9.39
CA ASP A 78 -3.27 31.55 8.56
C ASP A 78 -3.02 31.23 7.09
N ILE A 79 -1.77 31.36 6.62
CA ILE A 79 -1.40 31.16 5.22
C ILE A 79 -0.25 30.16 5.14
N ALA A 80 -0.32 29.21 4.22
CA ALA A 80 0.81 28.30 4.06
C ALA A 80 0.81 27.68 2.66
N ILE A 81 2.01 27.51 2.12
CA ILE A 81 2.21 26.75 0.89
C ILE A 81 3.09 25.57 1.23
N GLY A 82 3.02 24.57 0.38
CA GLY A 82 3.69 23.31 0.63
C GLY A 82 4.09 22.68 -0.68
N HIS A 83 5.22 21.99 -0.66
CA HIS A 83 5.77 21.36 -1.84
C HIS A 83 6.17 19.95 -1.51
N VAL A 84 6.01 19.07 -2.49
CA VAL A 84 6.44 17.68 -2.36
C VAL A 84 7.24 17.31 -3.62
N ARG A 85 8.48 16.87 -3.40
CA ARG A 85 9.47 16.83 -4.49
C ARG A 85 9.94 15.47 -4.93
N TYR A 86 10.08 15.32 -6.22
CA TYR A 86 10.70 14.18 -6.92
C TYR A 86 12.15 14.50 -7.24
N SER A 87 13.03 13.51 -7.11
CA SER A 87 14.45 13.71 -7.42
C SER A 87 15.13 12.39 -7.75
N THR A 88 15.89 12.37 -8.84
CA THR A 88 16.61 11.16 -9.20
C THR A 88 17.79 10.91 -8.27
N ALA A 89 18.10 11.83 -7.36
CA ALA A 89 19.05 11.53 -6.30
C ALA A 89 18.47 10.59 -5.26
N GLY A 90 17.18 10.25 -5.38
CA GLY A 90 16.51 9.37 -4.44
C GLY A 90 16.80 9.65 -2.98
N SER A 91 17.05 8.60 -2.20
CA SER A 91 17.35 8.76 -0.79
C SER A 91 18.76 9.27 -0.53
N SER A 92 19.62 9.28 -1.55
CA SER A 92 20.96 9.86 -1.41
C SER A 92 20.97 11.38 -1.53
N MET A 93 19.82 12.02 -1.37
CA MET A 93 19.72 13.47 -1.47
C MET A 93 20.33 14.13 -0.23
N LEU A 94 21.16 15.14 -0.44
CA LEU A 94 21.87 15.79 0.67
C LEU A 94 21.06 16.92 1.30
N LYS A 95 20.46 17.80 0.47
CA LYS A 95 19.69 18.95 0.96
C LYS A 95 18.47 19.15 0.08
N ASN A 96 17.37 19.56 0.69
CA ASN A 96 16.13 19.89 -0.04
C ASN A 96 15.65 21.19 0.59
N VAL A 97 15.56 22.24 -0.17
CA VAL A 97 15.25 23.56 0.45
C VAL A 97 13.99 24.13 -0.23
N GLN A 98 13.09 23.26 -0.67
CA GLN A 98 11.85 23.68 -1.38
C GLN A 98 10.57 23.36 -0.59
N PRO A 99 9.60 24.26 -0.34
CA PRO A 99 9.44 25.61 -0.93
C PRO A 99 10.52 26.65 -0.65
N PHE A 100 10.94 27.36 -1.68
CA PHE A 100 12.08 28.28 -1.55
C PHE A 100 11.60 29.59 -0.97
N VAL A 101 12.35 30.13 -0.03
CA VAL A 101 11.98 31.40 0.58
C VAL A 101 13.14 32.40 0.44
N ALA A 102 12.81 33.68 0.34
CA ALA A 102 13.85 34.68 0.27
C ALA A 102 13.28 36.02 0.73
N GLY A 103 14.19 36.96 1.01
CA GLY A 103 13.83 38.32 1.33
C GLY A 103 14.45 39.24 0.30
N TYR A 104 13.74 40.33 -0.02
CA TYR A 104 14.18 41.29 -1.03
C TYR A 104 13.54 42.64 -0.67
N ARG A 105 13.74 43.65 -1.53
CA ARG A 105 13.36 45.01 -1.14
C ARG A 105 11.89 45.14 -0.75
N PHE A 106 11.02 44.33 -1.36
CA PHE A 106 9.60 44.49 -1.06
C PHE A 106 9.08 43.51 -0.02
N GLY A 107 9.96 42.83 0.73
CA GLY A 107 9.53 41.97 1.82
C GLY A 107 10.01 40.55 1.64
N SER A 108 9.18 39.61 2.04
CA SER A 108 9.55 38.21 2.07
C SER A 108 8.57 37.39 1.26
N VAL A 109 9.08 36.41 0.52
CA VAL A 109 8.23 35.62 -0.36
C VAL A 109 8.75 34.19 -0.41
N GLY A 110 7.82 33.24 -0.43
CA GLY A 110 8.13 31.85 -0.68
C GLY A 110 7.34 31.34 -1.87
N VAL A 111 7.90 30.34 -2.56
CA VAL A 111 7.26 29.80 -3.75
C VAL A 111 7.49 28.29 -3.80
N ALA A 112 6.46 27.58 -4.27
CA ALA A 112 6.49 26.16 -4.57
C ALA A 112 6.14 25.96 -6.04
N HIS A 113 6.93 25.18 -6.74
CA HIS A 113 6.83 25.11 -8.19
C HIS A 113 6.76 23.66 -8.68
N ASN A 114 5.98 23.44 -9.71
CA ASN A 114 5.89 22.16 -10.39
C ASN A 114 6.02 22.49 -11.87
N GLY A 115 7.08 22.01 -12.50
CA GLY A 115 7.30 22.33 -13.91
C GLY A 115 8.76 22.28 -14.27
N ASN A 116 9.11 23.01 -15.30
CA ASN A 116 10.49 23.02 -15.77
C ASN A 116 10.69 24.23 -16.66
N LEU A 117 11.67 25.05 -16.33
CA LEU A 117 12.02 26.21 -17.12
C LEU A 117 12.99 25.74 -18.19
N VAL A 118 12.52 25.74 -19.42
CA VAL A 118 13.33 25.31 -20.56
C VAL A 118 14.56 26.22 -20.72
N ASN A 119 14.42 27.52 -20.47
CA ASN A 119 15.50 28.49 -20.64
C ASN A 119 16.19 28.83 -19.32
N TYR A 120 16.36 27.85 -18.43
CA TYR A 120 16.98 28.13 -17.14
C TYR A 120 18.41 28.62 -17.30
N THR A 121 19.22 27.93 -18.12
CA THR A 121 20.64 28.28 -18.13
C THR A 121 20.87 29.68 -18.70
N LYS A 122 20.09 30.08 -19.71
CA LYS A 122 20.21 31.44 -20.20
C LYS A 122 19.76 32.47 -19.16
N LEU A 123 18.60 32.25 -18.52
CA LEU A 123 18.13 33.15 -17.47
C LEU A 123 19.15 33.29 -16.35
N ARG A 124 19.70 32.16 -15.91
CA ARG A 124 20.68 32.18 -14.83
C ARG A 124 21.98 32.86 -15.27
N ALA A 125 22.45 32.61 -16.48
CA ALA A 125 23.67 33.26 -16.91
C ALA A 125 23.48 34.76 -16.99
N ASP A 126 22.34 35.22 -17.51
CA ASP A 126 22.12 36.67 -17.56
C ASP A 126 22.05 37.26 -16.17
N LEU A 127 21.38 36.57 -15.23
CA LEU A 127 21.35 37.07 -13.85
C LEU A 127 22.74 37.04 -13.19
N GLU A 128 23.54 36.01 -13.51
CA GLU A 128 24.88 35.90 -12.97
C GLU A 128 25.77 37.03 -13.46
N GLU A 129 25.51 37.52 -14.69
CA GLU A 129 26.33 38.57 -15.25
C GLU A 129 26.20 39.87 -14.49
N ASN A 130 25.17 40.01 -13.66
CA ASN A 130 24.99 41.22 -12.88
C ASN A 130 25.20 40.96 -11.38
N GLY A 131 25.80 39.83 -11.05
CA GLY A 131 26.23 39.57 -9.70
C GLY A 131 25.28 38.76 -8.84
N SER A 132 24.31 38.07 -9.43
CA SER A 132 23.43 37.23 -8.65
C SER A 132 24.19 35.98 -8.18
N ILE A 133 23.87 35.51 -6.99
CA ILE A 133 24.36 34.21 -6.54
C ILE A 133 23.18 33.26 -6.47
N PHE A 134 23.47 31.96 -6.50
CA PHE A 134 22.42 30.95 -6.52
C PHE A 134 22.72 29.92 -5.44
N ASN A 135 21.82 29.83 -4.46
CA ASN A 135 21.99 28.84 -3.39
C ASN A 135 21.71 27.43 -3.90
N THR A 136 20.76 27.28 -4.83
CA THR A 136 20.34 26.02 -5.42
C THR A 136 20.33 26.14 -6.93
N SER A 137 20.27 25.02 -7.63
CA SER A 137 20.14 25.11 -9.09
C SER A 137 18.69 24.96 -9.55
N SER A 138 17.71 25.20 -8.68
CA SER A 138 16.30 24.97 -8.96
C SER A 138 15.67 26.16 -9.67
N ASP A 139 14.62 25.87 -10.45
CA ASP A 139 13.98 26.93 -11.24
C ASP A 139 13.36 27.96 -10.34
N THR A 140 12.86 27.51 -9.20
CA THR A 140 12.12 28.42 -8.35
C THR A 140 13.01 29.54 -7.80
N GLU A 141 14.31 29.30 -7.63
CA GLU A 141 15.17 30.41 -7.22
C GLU A 141 15.32 31.43 -8.34
N VAL A 142 15.34 30.98 -9.60
CA VAL A 142 15.39 31.90 -10.74
C VAL A 142 14.12 32.75 -10.79
N VAL A 143 12.96 32.13 -10.55
CA VAL A 143 11.70 32.90 -10.49
C VAL A 143 11.80 33.99 -9.42
N LEU A 144 12.30 33.64 -8.22
CA LEU A 144 12.39 34.66 -7.17
C LEU A 144 13.36 35.78 -7.57
N HIS A 145 14.48 35.42 -8.18
CA HIS A 145 15.43 36.41 -8.65
C HIS A 145 14.78 37.39 -9.62
N LEU A 146 14.00 36.86 -10.57
CA LEU A 146 13.36 37.70 -11.57
C LEU A 146 12.33 38.63 -10.94
N ILE A 147 11.50 38.09 -10.05
CA ILE A 147 10.60 38.94 -9.28
C ILE A 147 11.37 40.07 -8.60
N ALA A 148 12.51 39.74 -8.01
CA ALA A 148 13.23 40.73 -7.21
C ALA A 148 13.78 41.87 -8.06
N ILE A 149 14.34 41.57 -9.25
CA ILE A 149 14.84 42.65 -10.11
C ILE A 149 13.73 43.45 -10.78
N SER A 150 12.48 43.00 -10.69
CA SER A 150 11.38 43.80 -11.18
C SER A 150 11.19 45.04 -10.35
N LYS A 151 10.91 46.13 -11.02
CA LYS A 151 10.69 47.42 -10.41
C LYS A 151 9.22 47.77 -10.34
N ALA A 152 8.36 46.84 -10.73
CA ALA A 152 6.92 47.13 -10.73
C ALA A 152 6.31 46.91 -9.36
N ARG A 153 5.11 47.40 -9.15
CA ARG A 153 4.33 47.22 -7.91
C ARG A 153 2.87 47.15 -8.38
N PRO A 154 2.01 46.29 -7.83
CA PRO A 154 2.29 45.47 -6.68
C PRO A 154 2.98 44.15 -6.97
N PHE A 155 2.90 43.24 -6.03
CA PHE A 155 3.61 41.96 -6.13
C PHE A 155 3.18 41.19 -7.36
N PHE A 156 1.87 41.20 -7.67
CA PHE A 156 1.44 40.41 -8.81
C PHE A 156 1.98 41.00 -10.10
N MET A 157 2.20 42.31 -10.15
CA MET A 157 2.79 42.88 -11.36
C MET A 157 4.21 42.39 -11.55
N ARG A 158 4.95 42.21 -10.46
CA ARG A 158 6.29 41.63 -10.55
C ARG A 158 6.23 40.15 -10.94
N ILE A 159 5.24 39.41 -10.44
CA ILE A 159 5.04 38.03 -10.90
C ILE A 159 4.82 38.01 -12.41
N VAL A 160 3.99 38.94 -12.93
CA VAL A 160 3.72 39.01 -14.37
C VAL A 160 5.00 39.32 -15.13
N ASP A 161 5.75 40.32 -14.64
CA ASP A 161 7.03 40.68 -15.21
C ASP A 161 7.95 39.47 -15.29
N ALA A 162 8.00 38.68 -14.22
CA ALA A 162 8.91 37.53 -14.18
C ALA A 162 8.46 36.44 -15.13
N CYS A 163 7.16 36.15 -15.12
CA CYS A 163 6.65 35.06 -15.95
C CYS A 163 6.83 35.34 -17.44
N GLU A 164 6.78 36.61 -17.84
CA GLU A 164 6.99 36.90 -19.27
C GLU A 164 8.39 36.51 -19.77
N LYS A 165 9.35 36.26 -18.89
CA LYS A 165 10.68 35.84 -19.31
C LYS A 165 10.87 34.34 -19.23
N LEU A 166 9.88 33.62 -18.69
CA LEU A 166 10.03 32.20 -18.49
C LEU A 166 9.46 31.45 -19.69
N GLN A 167 10.28 30.59 -20.29
CA GLN A 167 9.78 29.60 -21.22
C GLN A 167 9.72 28.25 -20.54
N GLY A 168 8.62 27.54 -20.72
CA GLY A 168 8.51 26.19 -20.20
C GLY A 168 7.24 25.98 -19.41
N ALA A 169 7.27 24.98 -18.55
CA ALA A 169 6.12 24.60 -17.76
C ALA A 169 6.26 25.19 -16.36
N TYR A 170 5.17 25.69 -15.81
CA TYR A 170 5.18 26.06 -14.40
C TYR A 170 3.76 26.14 -13.87
N SER A 171 3.50 25.47 -12.75
CA SER A 171 2.38 25.79 -11.89
C SER A 171 2.96 26.09 -10.52
N MET A 172 2.70 27.30 -10.03
CA MET A 172 3.39 27.78 -8.85
C MET A 172 2.38 28.30 -7.86
N VAL A 173 2.74 28.25 -6.59
CA VAL A 173 2.05 29.01 -5.55
C VAL A 173 3.07 29.84 -4.81
N PHE A 174 2.78 31.12 -4.67
CA PHE A 174 3.56 32.10 -3.95
C PHE A 174 2.84 32.43 -2.65
N VAL A 175 3.61 32.65 -1.58
CA VAL A 175 3.11 33.15 -0.31
C VAL A 175 3.91 34.38 0.09
N THR A 176 3.21 35.43 0.55
CA THR A 176 3.88 36.61 1.12
C THR A 176 3.32 36.89 2.51
N GLU A 177 3.69 38.02 3.09
CA GLU A 177 3.25 38.32 4.46
C GLU A 177 1.73 38.37 4.59
N ASP A 178 0.98 38.55 3.49
CA ASP A 178 -0.47 38.56 3.63
C ASP A 178 -1.23 38.15 2.37
N LYS A 179 -0.59 37.46 1.43
CA LYS A 179 -1.24 37.08 0.18
C LYS A 179 -0.81 35.67 -0.19
N LEU A 180 -1.71 34.99 -0.90
CA LEU A 180 -1.41 33.70 -1.49
C LEU A 180 -1.76 33.83 -2.97
N VAL A 181 -0.82 33.57 -3.86
CA VAL A 181 -1.14 33.70 -5.28
C VAL A 181 -0.75 32.41 -6.01
N ALA A 182 -1.58 32.04 -6.97
CA ALA A 182 -1.42 30.86 -7.80
C ALA A 182 -1.12 31.32 -9.22
N VAL A 183 -0.24 30.61 -9.90
CA VAL A 183 0.15 30.97 -11.25
C VAL A 183 0.16 29.72 -12.09
N ARG A 184 -0.50 29.78 -13.24
CA ARG A 184 -0.42 28.71 -14.23
C ARG A 184 0.08 29.27 -15.55
N ASP A 185 1.11 28.63 -16.11
CA ASP A 185 1.79 29.09 -17.31
C ASP A 185 0.84 29.05 -18.50
N PRO A 186 1.13 29.85 -19.53
CA PRO A 186 0.15 30.04 -20.61
C PRO A 186 -0.22 28.78 -21.36
N HIS A 187 0.68 27.80 -21.45
CA HIS A 187 0.32 26.54 -22.09
C HIS A 187 -0.47 25.62 -21.19
N GLY A 188 -0.49 25.87 -19.89
CA GLY A 188 -1.17 24.98 -18.96
C GLY A 188 -0.58 23.59 -18.88
N PHE A 189 0.74 23.43 -19.07
CA PHE A 189 1.39 22.11 -19.10
C PHE A 189 1.05 21.26 -17.90
N ARG A 190 0.99 21.88 -16.72
CA ARG A 190 0.92 21.27 -15.40
C ARG A 190 -0.40 21.57 -14.72
N PRO A 191 -1.02 20.58 -14.08
CA PRO A 191 -2.30 20.84 -13.40
C PRO A 191 -2.13 21.73 -12.17
N LEU A 192 -3.14 22.57 -11.96
CA LEU A 192 -3.34 23.37 -10.75
C LEU A 192 -4.84 23.60 -10.64
N VAL A 193 -5.40 23.39 -9.45
CA VAL A 193 -6.85 23.51 -9.23
C VAL A 193 -7.09 24.22 -7.91
N MET A 194 -8.26 24.85 -7.82
CA MET A 194 -8.67 25.66 -6.68
C MET A 194 -9.94 25.10 -6.05
N GLY A 195 -10.04 25.19 -4.71
CA GLY A 195 -11.20 24.75 -3.97
C GLY A 195 -11.39 25.63 -2.75
N ARG A 196 -12.57 25.51 -2.13
CA ARG A 196 -12.94 26.31 -0.95
C ARG A 196 -13.41 25.42 0.19
N ARG A 197 -12.96 25.71 1.41
CA ARG A 197 -13.43 25.00 2.60
C ARG A 197 -14.76 25.57 3.10
N SER A 198 -15.26 25.04 4.23
CA SER A 198 -16.53 25.50 4.78
C SER A 198 -16.45 26.95 5.25
N ASN A 199 -15.48 27.27 6.12
CA ASN A 199 -15.09 28.67 6.32
C ASN A 199 -14.49 29.22 5.03
N GLY A 200 -14.09 30.47 5.03
CA GLY A 200 -13.71 31.05 3.75
C GLY A 200 -12.51 30.44 3.04
N ALA A 201 -11.83 29.50 3.70
CA ALA A 201 -10.49 29.06 3.32
C ALA A 201 -10.38 28.64 1.85
N VAL A 202 -9.37 29.19 1.17
CA VAL A 202 -9.13 28.94 -0.25
C VAL A 202 -7.88 28.08 -0.37
N VAL A 203 -7.95 27.00 -1.15
CA VAL A 203 -6.78 26.13 -1.31
C VAL A 203 -6.54 25.87 -2.79
N PHE A 204 -5.26 25.83 -3.15
CA PHE A 204 -4.79 25.41 -4.46
C PHE A 204 -4.02 24.11 -4.29
N ALA A 205 -4.16 23.23 -5.28
CA ALA A 205 -3.46 21.96 -5.22
C ALA A 205 -3.16 21.49 -6.63
N SER A 206 -2.13 20.65 -6.72
CA SER A 206 -1.77 20.10 -8.01
C SER A 206 -2.85 19.18 -8.55
N GLU A 207 -3.60 18.48 -7.70
CA GLU A 207 -4.65 17.56 -8.12
C GLU A 207 -5.84 17.68 -7.21
N THR A 208 -7.00 17.30 -7.73
CA THR A 208 -8.22 17.50 -6.95
C THR A 208 -8.26 16.59 -5.73
N CYS A 209 -7.52 15.48 -5.74
CA CYS A 209 -7.57 14.52 -4.63
C CYS A 209 -7.12 15.16 -3.32
N ALA A 210 -6.11 16.05 -3.39
CA ALA A 210 -5.71 16.82 -2.21
C ALA A 210 -6.85 17.73 -1.72
N LEU A 211 -7.58 18.35 -2.65
CA LEU A 211 -8.77 19.13 -2.25
C LEU A 211 -9.79 18.24 -1.56
N ASP A 212 -10.06 17.07 -2.16
CA ASP A 212 -11.08 16.17 -1.64
C ASP A 212 -10.76 15.75 -0.20
N LEU A 213 -9.49 15.47 0.10
CA LEU A 213 -9.17 14.95 1.43
C LEU A 213 -9.54 15.95 2.52
N ILE A 214 -9.13 17.21 2.35
CA ILE A 214 -9.34 18.24 3.38
C ILE A 214 -10.63 19.01 3.13
N GLU A 215 -11.55 18.39 2.38
CA GLU A 215 -12.92 18.89 2.28
C GLU A 215 -12.95 20.34 1.81
N ALA A 216 -12.08 20.66 0.85
CA ALA A 216 -12.17 21.92 0.10
C ALA A 216 -12.88 21.57 -1.21
N THR A 217 -14.10 22.05 -1.35
CA THR A 217 -14.89 21.75 -2.52
C THR A 217 -14.21 22.26 -3.78
N TYR A 218 -14.03 21.38 -4.75
CA TYR A 218 -13.47 21.75 -6.06
C TYR A 218 -14.32 22.82 -6.72
N GLU A 219 -13.70 23.94 -7.09
CA GLU A 219 -14.40 25.01 -7.78
C GLU A 219 -14.07 25.05 -9.26
N ARG A 220 -12.79 25.26 -9.60
CA ARG A 220 -12.43 25.33 -11.00
C ARG A 220 -10.93 25.07 -11.14
N GLU A 221 -10.53 24.75 -12.36
CA GLU A 221 -9.12 24.82 -12.71
C GLU A 221 -8.61 26.25 -12.60
N VAL A 222 -7.35 26.38 -12.19
CA VAL A 222 -6.64 27.60 -12.48
C VAL A 222 -6.34 27.60 -13.97
N TYR A 223 -6.62 28.71 -14.64
CA TYR A 223 -6.59 28.66 -16.09
C TYR A 223 -5.18 28.89 -16.61
N PRO A 224 -4.85 28.30 -17.76
CA PRO A 224 -3.54 28.57 -18.37
C PRO A 224 -3.32 30.07 -18.55
N GLY A 225 -2.16 30.54 -18.10
CA GLY A 225 -1.85 31.95 -18.12
C GLY A 225 -2.46 32.75 -17.00
N GLU A 226 -3.00 32.12 -15.96
CA GLU A 226 -3.70 32.90 -14.94
C GLU A 226 -2.81 33.22 -13.75
N VAL A 227 -3.05 34.37 -13.16
CA VAL A 227 -2.38 34.80 -11.94
C VAL A 227 -3.50 35.14 -10.95
N LEU A 228 -3.92 34.15 -10.17
CA LEU A 228 -4.94 34.34 -9.14
C LEU A 228 -4.29 34.83 -7.87
N VAL A 229 -4.88 35.79 -7.20
CA VAL A 229 -4.32 36.24 -5.93
C VAL A 229 -5.45 36.37 -4.92
N VAL A 230 -5.25 35.79 -3.73
CA VAL A 230 -6.23 35.83 -2.67
C VAL A 230 -5.60 36.56 -1.49
N ASP A 231 -6.36 37.49 -0.93
CA ASP A 231 -5.93 38.29 0.21
C ASP A 231 -7.19 38.54 1.07
N LYS A 232 -7.16 39.61 1.87
CA LYS A 232 -8.30 39.91 2.73
C LYS A 232 -9.56 40.14 1.89
N ASP A 233 -9.42 40.78 0.73
CA ASP A 233 -10.59 41.08 -0.11
C ASP A 233 -11.25 39.82 -0.64
N GLY A 234 -10.47 38.80 -1.00
CA GLY A 234 -10.94 37.52 -1.48
C GLY A 234 -10.10 37.06 -2.66
N VAL A 235 -10.64 36.13 -3.46
CA VAL A 235 -9.96 35.58 -4.63
C VAL A 235 -10.24 36.48 -5.82
N LYS A 236 -9.19 36.94 -6.50
CA LYS A 236 -9.36 37.81 -7.66
C LYS A 236 -8.36 37.45 -8.75
N CYS A 237 -8.87 37.22 -9.96
CA CYS A 237 -8.00 36.99 -11.11
C CYS A 237 -7.43 38.33 -11.54
N GLN A 238 -6.14 38.55 -11.34
CA GLN A 238 -5.54 39.83 -11.70
C GLN A 238 -4.63 39.78 -12.91
N CYS A 239 -4.58 38.66 -13.61
CA CYS A 239 -3.95 38.65 -14.90
C CYS A 239 -4.31 37.37 -15.62
N LEU A 240 -4.75 37.47 -16.88
CA LEU A 240 -4.89 36.33 -17.76
C LEU A 240 -3.91 36.55 -18.91
N MET A 241 -2.64 36.28 -18.63
CA MET A 241 -1.53 36.51 -19.55
C MET A 241 -1.83 35.88 -20.90
N PRO A 242 -1.38 36.50 -21.99
CA PRO A 242 -1.56 35.92 -23.33
C PRO A 242 -1.05 34.49 -23.42
N HIS A 243 -1.84 33.61 -24.04
CA HIS A 243 -1.61 32.14 -24.03
C HIS A 243 -2.05 31.42 -25.30
N PRO A 244 -1.21 30.59 -25.90
CA PRO A 244 -1.55 30.02 -27.21
C PRO A 244 -2.69 29.02 -27.13
N GLU A 245 -2.72 28.05 -28.03
CA GLU A 245 -3.53 26.85 -27.83
C GLU A 245 -2.90 25.98 -26.75
N PRO A 246 -3.67 25.50 -25.76
CA PRO A 246 -3.10 24.75 -24.63
C PRO A 246 -2.28 23.53 -25.06
N LYS A 247 -1.39 23.12 -24.16
CA LYS A 247 -0.58 21.92 -24.34
C LYS A 247 -0.44 21.25 -22.97
N GLN A 248 -1.57 20.78 -22.43
CA GLN A 248 -1.59 20.11 -21.13
C GLN A 248 -0.97 18.72 -21.23
N CYS A 249 -0.14 18.35 -20.24
CA CYS A 249 0.59 17.07 -20.29
C CYS A 249 -0.34 15.85 -20.34
N ILE A 250 -0.28 15.08 -21.43
CA ILE A 250 -1.10 13.89 -21.52
C ILE A 250 -0.64 12.84 -20.52
N PHE A 251 0.61 12.92 -20.08
CA PHE A 251 1.11 11.91 -19.15
C PHE A 251 0.47 12.08 -17.78
N GLU A 252 -0.12 13.23 -17.46
CA GLU A 252 -0.92 13.26 -16.25
C GLU A 252 -2.02 12.22 -16.33
N HIS A 253 -2.68 12.09 -17.48
CA HIS A 253 -3.72 11.09 -17.58
C HIS A 253 -3.17 9.68 -17.76
N ILE A 254 -2.08 9.53 -18.50
CA ILE A 254 -1.50 8.21 -18.72
C ILE A 254 -0.99 7.59 -17.42
N TYR A 255 -0.23 8.35 -16.64
CA TYR A 255 0.54 7.77 -15.55
C TYR A 255 0.53 8.60 -14.26
N PHE A 256 0.76 9.91 -14.39
CA PHE A 256 1.24 10.66 -13.23
C PHE A 256 0.17 10.91 -12.17
N SER A 257 -1.09 11.11 -12.53
CA SER A 257 -2.10 11.47 -11.53
C SER A 257 -2.90 10.24 -11.06
N LEU A 258 -3.68 10.43 -9.95
CA LEU A 258 -4.50 9.38 -9.34
C LEU A 258 -5.87 9.26 -10.02
N PRO A 259 -6.45 8.06 -10.08
CA PRO A 259 -7.77 7.92 -10.71
C PRO A 259 -8.86 8.76 -10.08
N ASN A 260 -8.85 9.00 -8.76
CA ASN A 260 -9.86 9.88 -8.17
C ASN A 260 -9.74 11.31 -8.68
N SER A 261 -8.64 11.66 -9.35
CA SER A 261 -8.43 13.04 -9.72
C SER A 261 -9.22 13.44 -10.96
N ILE A 262 -9.59 14.71 -11.03
CA ILE A 262 -10.11 15.29 -12.25
C ILE A 262 -9.07 16.29 -12.76
N VAL A 263 -8.03 15.82 -13.45
CA VAL A 263 -7.03 16.77 -13.95
C VAL A 263 -7.41 17.20 -15.37
N PHE A 264 -7.24 18.49 -15.65
CA PHE A 264 -7.57 19.12 -16.93
C PHE A 264 -9.02 18.90 -17.28
N GLY A 265 -9.90 18.86 -16.28
CA GLY A 265 -11.33 18.74 -16.54
C GLY A 265 -11.84 17.36 -16.86
N ARG A 266 -10.99 16.35 -17.02
CA ARG A 266 -11.37 14.98 -17.33
C ARG A 266 -11.18 14.04 -16.14
N SER A 267 -12.01 13.01 -16.08
CA SER A 267 -11.83 11.94 -15.10
C SER A 267 -10.67 11.03 -15.52
N VAL A 268 -9.60 11.01 -14.72
CA VAL A 268 -8.46 10.14 -15.02
C VAL A 268 -8.88 8.68 -15.04
N TYR A 269 -9.83 8.31 -14.17
CA TYR A 269 -10.38 6.95 -14.20
C TYR A 269 -10.94 6.64 -15.58
N GLU A 270 -11.76 7.55 -16.15
CA GLU A 270 -12.34 7.26 -17.44
C GLU A 270 -11.28 7.21 -18.53
N SER A 271 -10.25 8.07 -18.47
CA SER A 271 -9.19 8.04 -19.48
C SER A 271 -8.54 6.66 -19.52
N ARG A 272 -8.14 6.15 -18.36
CA ARG A 272 -7.40 4.88 -18.31
C ARG A 272 -8.28 3.70 -18.64
N HIS A 273 -9.54 3.72 -18.20
CA HIS A 273 -10.46 2.66 -18.59
C HIS A 273 -10.67 2.62 -20.10
N VAL A 274 -10.85 3.77 -20.73
CA VAL A 274 -11.00 3.78 -22.18
C VAL A 274 -9.70 3.30 -22.85
N PHE A 275 -8.53 3.72 -22.35
CA PHE A 275 -7.29 3.22 -22.94
C PHE A 275 -7.28 1.69 -22.95
N GLY A 276 -7.70 1.08 -21.84
CA GLY A 276 -7.77 -0.37 -21.80
C GLY A 276 -8.70 -0.93 -22.85
N GLU A 277 -9.89 -0.31 -22.98
CA GLU A 277 -10.84 -0.72 -24.01
C GLU A 277 -10.23 -0.64 -25.40
N ILE A 278 -9.50 0.45 -25.68
CA ILE A 278 -8.91 0.62 -27.00
C ILE A 278 -7.91 -0.49 -27.27
N LEU A 279 -7.06 -0.78 -26.28
CA LEU A 279 -6.11 -1.89 -26.41
C LEU A 279 -6.82 -3.20 -26.74
N ALA A 280 -7.98 -3.44 -26.13
CA ALA A 280 -8.66 -4.72 -26.38
C ALA A 280 -9.29 -4.77 -27.77
N THR A 281 -9.90 -3.66 -28.25
CA THR A 281 -10.47 -3.73 -29.60
C THR A 281 -9.35 -3.89 -30.63
N GLU A 282 -8.31 -3.07 -30.53
CA GLU A 282 -7.39 -2.92 -31.65
C GLU A 282 -6.25 -3.93 -31.65
N SER A 283 -6.01 -4.68 -30.59
CA SER A 283 -4.96 -5.70 -30.59
C SER A 283 -5.37 -6.88 -29.73
N PRO A 284 -6.42 -7.60 -30.13
CA PRO A 284 -6.89 -8.75 -29.33
C PRO A 284 -6.02 -9.98 -29.53
N VAL A 285 -6.17 -10.93 -28.60
CA VAL A 285 -5.48 -12.21 -28.69
C VAL A 285 -6.27 -13.22 -27.88
N ASP A 286 -6.23 -14.47 -28.32
CA ASP A 286 -6.84 -15.53 -27.53
C ASP A 286 -6.21 -15.54 -26.16
N CYS A 287 -7.02 -15.46 -25.11
CA CYS A 287 -6.45 -15.53 -23.79
C CYS A 287 -7.48 -16.05 -22.83
N ASP A 288 -7.00 -16.53 -21.70
CA ASP A 288 -7.85 -17.03 -20.64
C ASP A 288 -8.05 -16.04 -19.51
N VAL A 289 -7.05 -15.19 -19.22
CA VAL A 289 -7.14 -14.24 -18.11
C VAL A 289 -6.64 -12.88 -18.54
N VAL A 290 -7.24 -11.84 -17.99
CA VAL A 290 -6.72 -10.48 -18.10
C VAL A 290 -6.33 -10.05 -16.70
N ILE A 291 -5.09 -9.60 -16.52
CA ILE A 291 -4.57 -9.14 -15.24
C ILE A 291 -3.85 -7.83 -15.45
N ALA A 292 -3.53 -7.17 -14.36
CA ALA A 292 -2.85 -5.89 -14.39
C ALA A 292 -1.49 -6.00 -13.70
N VAL A 293 -0.71 -4.95 -13.87
CA VAL A 293 0.53 -4.77 -13.07
C VAL A 293 0.10 -3.71 -12.06
N PRO A 294 -0.12 -4.05 -10.78
CA PRO A 294 -0.67 -3.15 -9.79
C PRO A 294 0.25 -2.09 -9.19
N ASP A 295 -0.36 -1.04 -8.63
CA ASP A 295 -1.82 -0.81 -8.72
C ASP A 295 -2.11 0.09 -9.93
N SER A 296 -1.07 0.51 -10.63
CA SER A 296 -1.18 1.41 -11.80
C SER A 296 -2.17 0.88 -12.83
N GLY A 297 -1.86 -0.24 -13.46
CA GLY A 297 -2.67 -0.67 -14.57
C GLY A 297 -3.95 -1.40 -14.25
N VAL A 298 -4.42 -1.37 -13.00
CA VAL A 298 -5.64 -2.10 -12.70
C VAL A 298 -6.81 -1.51 -13.50
N VAL A 299 -6.94 -0.18 -13.50
CA VAL A 299 -8.08 0.45 -14.17
C VAL A 299 -8.07 0.14 -15.65
N ALA A 300 -6.97 0.44 -16.35
CA ALA A 300 -6.88 0.08 -17.76
C ALA A 300 -7.17 -1.40 -17.99
N ALA A 301 -6.58 -2.29 -17.17
CA ALA A 301 -6.84 -3.70 -17.36
C ALA A 301 -8.33 -4.02 -17.22
N LEU A 302 -9.01 -3.39 -16.25
CA LEU A 302 -10.45 -3.60 -16.15
C LEU A 302 -11.14 -3.29 -17.47
N GLY A 303 -10.83 -2.13 -18.06
CA GLY A 303 -11.43 -1.79 -19.33
C GLY A 303 -11.09 -2.80 -20.40
N TYR A 304 -9.81 -3.20 -20.48
CA TYR A 304 -9.44 -4.24 -21.43
C TYR A 304 -10.29 -5.49 -21.22
N ALA A 305 -10.38 -5.96 -19.98
CA ALA A 305 -11.16 -7.15 -19.70
C ALA A 305 -12.60 -6.98 -20.15
N ALA A 306 -13.14 -5.77 -20.00
CA ALA A 306 -14.53 -5.55 -20.38
C ALA A 306 -14.70 -5.74 -21.87
N LYS A 307 -13.82 -5.12 -22.68
CA LYS A 307 -14.00 -5.17 -24.12
C LYS A 307 -13.68 -6.57 -24.66
N ALA A 308 -12.62 -7.18 -24.15
CA ALA A 308 -12.20 -8.52 -24.58
C ALA A 308 -13.20 -9.59 -24.19
N GLY A 309 -14.03 -9.36 -23.18
CA GLY A 309 -14.95 -10.40 -22.79
C GLY A 309 -14.36 -11.58 -22.06
N VAL A 310 -13.16 -11.44 -21.49
CA VAL A 310 -12.61 -12.44 -20.56
C VAL A 310 -12.43 -11.76 -19.21
N ALA A 311 -12.60 -12.53 -18.14
CA ALA A 311 -12.70 -11.95 -16.81
C ALA A 311 -11.38 -11.35 -16.33
N PHE A 312 -11.45 -10.22 -15.63
CA PHE A 312 -10.29 -9.73 -14.90
C PHE A 312 -10.08 -10.57 -13.65
N GLN A 313 -8.82 -10.87 -13.35
CA GLN A 313 -8.46 -11.53 -12.10
C GLN A 313 -7.25 -10.80 -11.58
N GLN A 314 -7.17 -10.67 -10.25
CA GLN A 314 -6.05 -10.01 -9.59
C GLN A 314 -4.89 -11.00 -9.53
N GLY A 315 -4.23 -11.19 -10.68
CA GLY A 315 -3.19 -12.21 -10.80
C GLY A 315 -1.87 -11.83 -10.14
N LEU A 316 -1.63 -10.55 -9.90
CA LEU A 316 -0.49 -10.08 -9.14
C LEU A 316 -1.02 -9.21 -8.00
N ILE A 317 -0.36 -9.29 -6.85
CA ILE A 317 -0.76 -8.51 -5.68
C ILE A 317 0.43 -7.66 -5.27
N ARG A 318 0.23 -6.34 -5.25
CA ARG A 318 1.22 -5.41 -4.72
C ARG A 318 1.28 -5.59 -3.21
N SER A 319 2.49 -5.60 -2.65
CA SER A 319 2.64 -5.65 -1.19
C SER A 319 2.34 -4.30 -0.54
N HIS A 320 1.63 -4.34 0.61
CA HIS A 320 1.30 -3.08 1.29
C HIS A 320 2.53 -2.41 1.90
N TYR A 321 3.55 -3.20 2.22
CA TYR A 321 4.67 -2.77 3.07
C TYR A 321 5.97 -2.50 2.28
N VAL A 322 5.84 -2.06 1.02
CA VAL A 322 7.01 -1.68 0.23
C VAL A 322 7.80 -0.57 0.92
N GLY A 323 9.13 -0.72 0.92
CA GLY A 323 10.02 0.18 1.64
C GLY A 323 10.97 1.06 0.85
N ARG A 324 11.26 0.68 -0.40
CA ARG A 324 12.11 1.41 -1.37
C ARG A 324 13.59 1.40 -1.00
N THR A 325 13.90 1.08 0.26
CA THR A 325 15.24 0.68 0.71
C THR A 325 15.08 -0.69 1.36
N PHE A 326 15.73 -1.71 0.79
CA PHE A 326 15.46 -3.01 1.38
C PHE A 326 16.60 -3.99 1.21
N ILE A 327 16.73 -4.83 2.24
CA ILE A 327 17.76 -5.85 2.34
C ILE A 327 17.54 -6.92 1.26
N GLU A 328 18.62 -7.59 0.87
CA GLU A 328 18.54 -8.64 -0.14
C GLU A 328 19.47 -9.77 0.29
N PRO A 329 19.10 -11.03 0.02
CA PRO A 329 20.02 -12.13 0.33
C PRO A 329 21.36 -12.00 -0.41
N SER A 330 22.42 -12.43 0.28
CA SER A 330 23.76 -12.40 -0.28
C SER A 330 23.97 -13.44 -1.38
N GLN A 331 23.26 -14.55 -1.26
CA GLN A 331 23.20 -15.55 -2.36
C GLN A 331 22.09 -14.98 -3.22
N LYS A 332 22.45 -14.31 -4.30
CA LYS A 332 21.47 -13.52 -5.07
C LYS A 332 20.27 -14.32 -5.49
N ILE A 333 19.11 -13.72 -5.20
CA ILE A 333 17.77 -14.16 -5.68
C ILE A 333 17.57 -13.19 -6.82
N ARG A 334 17.25 -13.65 -8.01
CA ARG A 334 17.16 -12.71 -9.14
C ARG A 334 15.91 -11.83 -9.00
N ASP A 335 16.00 -10.57 -9.46
CA ASP A 335 14.81 -9.72 -9.52
C ASP A 335 14.18 -9.52 -8.15
N PHE A 336 15.01 -9.40 -7.10
CA PHE A 336 14.43 -9.30 -5.77
C PHE A 336 13.62 -8.02 -5.59
N GLY A 337 13.96 -6.94 -6.30
CA GLY A 337 13.21 -5.70 -6.15
C GLY A 337 11.74 -5.86 -6.49
N VAL A 338 11.43 -6.60 -7.56
CA VAL A 338 10.03 -6.75 -7.95
C VAL A 338 9.37 -7.82 -7.07
N LYS A 339 10.05 -8.95 -6.85
CA LYS A 339 9.50 -10.01 -6.00
C LYS A 339 9.19 -9.49 -4.61
N LEU A 340 9.79 -8.38 -4.20
CA LEU A 340 9.50 -7.81 -2.90
C LEU A 340 8.28 -6.93 -2.91
N LYS A 341 7.69 -6.65 -4.07
CA LYS A 341 6.44 -5.92 -4.07
C LYS A 341 5.34 -6.50 -4.96
N LEU A 342 5.60 -7.53 -5.76
CA LEU A 342 4.58 -8.15 -6.61
C LEU A 342 4.58 -9.65 -6.37
N SER A 343 3.44 -10.19 -5.93
CA SER A 343 3.35 -11.61 -5.65
C SER A 343 2.32 -12.23 -6.59
N PRO A 344 2.67 -13.22 -7.40
CA PRO A 344 1.69 -13.84 -8.29
C PRO A 344 0.81 -14.84 -7.57
N VAL A 345 -0.45 -14.91 -8.02
CA VAL A 345 -1.40 -15.91 -7.57
C VAL A 345 -1.31 -17.07 -8.55
N ARG A 346 -0.64 -18.15 -8.14
CA ARG A 346 -0.41 -19.25 -9.07
C ARG A 346 -1.73 -19.83 -9.56
N GLY A 347 -2.76 -19.86 -8.69
CA GLY A 347 -4.04 -20.42 -9.10
C GLY A 347 -4.62 -19.73 -10.32
N VAL A 348 -4.40 -18.42 -10.44
CA VAL A 348 -4.94 -17.63 -11.53
C VAL A 348 -4.13 -17.81 -12.82
N LEU A 349 -2.84 -18.15 -12.70
CA LEU A 349 -1.93 -18.14 -13.84
C LEU A 349 -1.57 -19.53 -14.38
N GLU A 350 -1.61 -20.58 -13.55
CA GLU A 350 -1.04 -21.86 -13.95
C GLU A 350 -1.73 -22.42 -15.17
N GLY A 351 -0.98 -22.55 -16.25
CA GLY A 351 -1.48 -23.14 -17.46
C GLY A 351 -2.34 -22.23 -18.29
N LYS A 352 -2.54 -20.98 -17.87
CA LYS A 352 -3.41 -20.05 -18.57
C LYS A 352 -2.63 -19.18 -19.58
N ARG A 353 -3.38 -18.62 -20.51
CA ARG A 353 -2.86 -17.60 -21.42
C ARG A 353 -3.24 -16.24 -20.84
N VAL A 354 -2.22 -15.48 -20.45
CA VAL A 354 -2.39 -14.28 -19.66
C VAL A 354 -2.15 -13.07 -20.56
N VAL A 355 -3.09 -12.13 -20.53
CA VAL A 355 -2.92 -10.76 -21.04
C VAL A 355 -2.64 -9.89 -19.83
N VAL A 356 -1.46 -9.30 -19.75
CA VAL A 356 -1.10 -8.44 -18.62
C VAL A 356 -1.00 -7.01 -19.11
N VAL A 357 -1.74 -6.11 -18.47
CA VAL A 357 -1.88 -4.71 -18.84
C VAL A 357 -1.04 -3.81 -17.94
N ASP A 358 -0.40 -2.81 -18.54
CA ASP A 358 0.45 -1.92 -17.76
C ASP A 358 0.42 -0.55 -18.42
N ASP A 359 0.87 0.45 -17.68
CA ASP A 359 0.63 1.83 -18.13
C ASP A 359 1.69 2.35 -19.08
N SER A 360 2.93 1.85 -19.01
CA SER A 360 3.92 2.34 -19.96
C SER A 360 5.09 1.39 -19.99
N ILE A 361 6.03 1.71 -20.87
CA ILE A 361 7.33 1.03 -20.99
C ILE A 361 8.31 2.13 -21.36
N VAL A 362 9.31 2.36 -20.52
CA VAL A 362 10.35 3.38 -20.82
C VAL A 362 11.68 2.65 -21.03
N ARG A 363 12.32 2.28 -19.93
CA ARG A 363 13.62 1.58 -20.00
C ARG A 363 13.39 0.15 -20.53
N GLY A 364 12.35 -0.51 -20.04
CA GLY A 364 12.00 -1.88 -20.44
C GLY A 364 12.64 -2.90 -19.52
N THR A 365 13.34 -2.47 -18.48
CA THR A 365 14.00 -3.51 -17.71
C THR A 365 13.04 -4.24 -16.77
N THR A 366 12.04 -3.54 -16.23
CA THR A 366 11.15 -4.16 -15.26
C THR A 366 10.07 -5.02 -15.91
N SER A 367 9.64 -4.66 -17.12
CA SER A 367 8.70 -5.49 -17.85
C SER A 367 9.26 -6.90 -18.05
N SER A 368 10.56 -7.01 -18.32
CA SER A 368 11.18 -8.33 -18.46
C SER A 368 11.08 -9.10 -17.16
N LYS A 369 11.36 -8.42 -16.05
CA LYS A 369 11.30 -9.07 -14.75
C LYS A 369 9.89 -9.58 -14.48
N ILE A 370 8.88 -8.78 -14.83
CA ILE A 370 7.49 -9.16 -14.56
C ILE A 370 7.07 -10.33 -15.43
N VAL A 371 7.45 -10.32 -16.71
CA VAL A 371 7.12 -11.47 -17.55
C VAL A 371 7.76 -12.74 -16.99
N ARG A 372 9.03 -12.66 -16.57
CA ARG A 372 9.70 -13.84 -16.02
C ARG A 372 8.98 -14.31 -14.77
N LEU A 373 8.53 -13.35 -13.95
CA LEU A 373 7.83 -13.68 -12.71
C LEU A 373 6.53 -14.45 -13.00
N LEU A 374 5.79 -14.02 -14.03
CA LEU A 374 4.54 -14.65 -14.45
C LEU A 374 4.78 -16.04 -15.01
N ARG A 375 5.86 -16.20 -15.80
CA ARG A 375 6.17 -17.50 -16.37
C ARG A 375 6.56 -18.49 -15.29
N GLU A 376 7.45 -18.09 -14.38
CA GLU A 376 7.78 -18.95 -13.25
C GLU A 376 6.55 -19.34 -12.44
N ALA A 377 5.48 -18.53 -12.50
CA ALA A 377 4.27 -18.79 -11.74
C ALA A 377 3.32 -19.73 -12.46
N GLY A 378 3.68 -20.21 -13.65
CA GLY A 378 2.89 -21.19 -14.37
C GLY A 378 2.17 -20.69 -15.59
N ALA A 379 2.40 -19.44 -15.99
CA ALA A 379 1.74 -18.92 -17.18
C ALA A 379 2.24 -19.66 -18.42
N LYS A 380 1.28 -20.09 -19.25
CA LYS A 380 1.56 -20.72 -20.53
C LYS A 380 1.90 -19.70 -21.60
N GLU A 381 1.21 -18.56 -21.61
CA GLU A 381 1.53 -17.46 -22.50
C GLU A 381 1.39 -16.14 -21.75
N VAL A 382 2.13 -15.14 -22.20
CA VAL A 382 2.13 -13.84 -21.57
C VAL A 382 2.03 -12.80 -22.67
N HIS A 383 0.85 -12.22 -22.83
CA HIS A 383 0.65 -11.17 -23.83
C HIS A 383 0.61 -9.82 -23.15
N MET A 384 1.60 -8.98 -23.46
CA MET A 384 1.75 -7.67 -22.83
C MET A 384 0.96 -6.60 -23.59
N ARG A 385 0.33 -5.69 -22.85
CA ARG A 385 -0.50 -4.66 -23.45
C ARG A 385 -0.25 -3.38 -22.68
N ILE A 386 0.22 -2.34 -23.37
CA ILE A 386 0.67 -1.11 -22.72
C ILE A 386 -0.35 -0.01 -22.96
N ALA A 387 -0.88 0.55 -21.87
CA ALA A 387 -1.97 1.50 -21.97
C ALA A 387 -1.44 2.89 -22.25
N SER A 388 -0.54 3.00 -23.22
CA SER A 388 0.09 4.26 -23.61
C SER A 388 0.80 4.04 -24.95
N PRO A 389 0.92 5.05 -25.80
CA PRO A 389 1.74 4.92 -27.02
C PRO A 389 3.21 4.76 -26.66
N PRO A 390 4.05 4.35 -27.60
CA PRO A 390 5.49 4.23 -27.29
C PRO A 390 6.14 5.57 -26.99
N ILE A 391 6.95 5.57 -25.93
CA ILE A 391 7.60 6.78 -25.42
C ILE A 391 8.98 6.90 -26.06
N ILE A 392 9.13 7.90 -26.95
CA ILE A 392 10.33 8.01 -27.77
C ILE A 392 11.17 9.24 -27.44
N ALA A 393 10.57 10.32 -26.95
CA ALA A 393 11.29 11.56 -26.69
C ALA A 393 11.24 11.91 -25.21
N SER A 394 12.22 12.67 -24.76
CA SER A 394 12.29 13.02 -23.35
C SER A 394 11.31 14.14 -23.03
N CYS A 395 10.81 14.12 -21.79
CA CYS A 395 9.96 15.20 -21.34
C CYS A 395 10.83 16.40 -20.98
N TYR A 396 10.48 17.56 -21.55
CA TYR A 396 11.14 18.82 -21.26
C TYR A 396 10.30 19.69 -20.36
N TYR A 397 9.36 19.10 -19.64
CA TYR A 397 8.36 19.94 -18.99
C TYR A 397 8.02 19.43 -17.60
N GLY A 398 9.03 18.93 -16.88
CA GLY A 398 8.95 18.88 -15.44
C GLY A 398 8.69 17.54 -14.78
N VAL A 399 8.78 16.44 -15.53
CA VAL A 399 8.79 15.12 -14.92
C VAL A 399 9.92 14.33 -15.58
N ASP A 400 10.75 13.71 -14.76
CA ASP A 400 12.03 13.17 -15.23
C ASP A 400 11.79 11.91 -16.04
N THR A 401 12.28 11.92 -17.27
CA THR A 401 12.43 10.74 -18.07
C THR A 401 13.91 10.64 -18.43
N PRO A 402 14.43 9.42 -18.61
CA PRO A 402 15.80 9.29 -19.12
C PRO A 402 15.99 9.97 -20.47
N SER A 403 17.24 10.07 -20.88
CA SER A 403 17.60 10.65 -22.18
C SER A 403 16.98 9.84 -23.31
N SER A 404 16.95 10.45 -24.51
CA SER A 404 16.27 9.82 -25.64
C SER A 404 16.90 8.50 -26.07
N ASN A 405 18.23 8.36 -25.94
CA ASN A 405 18.81 7.08 -26.32
C ASN A 405 18.58 5.99 -25.26
N GLU A 406 18.18 6.36 -24.04
CA GLU A 406 17.88 5.37 -23.01
C GLU A 406 16.45 4.85 -23.08
N LEU A 407 15.61 5.40 -23.96
CA LEU A 407 14.23 5.01 -24.11
C LEU A 407 14.17 3.82 -25.06
N ILE A 408 13.66 2.68 -24.57
CA ILE A 408 13.74 1.46 -25.36
C ILE A 408 12.96 1.58 -26.67
N SER A 409 11.96 2.46 -26.75
CA SER A 409 11.30 2.59 -28.04
C SER A 409 12.10 3.42 -29.04
N ASN A 410 13.18 4.07 -28.59
CA ASN A 410 14.11 4.71 -29.52
C ASN A 410 15.07 3.72 -30.15
N ARG A 411 15.53 2.74 -29.37
CA ARG A 411 16.46 1.76 -29.90
C ARG A 411 15.73 0.68 -30.69
N MET A 412 14.69 0.08 -30.09
CA MET A 412 14.12 -1.16 -30.61
C MET A 412 12.73 -0.94 -31.23
N SER A 413 12.40 -1.90 -32.10
CA SER A 413 11.09 -2.06 -32.71
C SER A 413 10.10 -2.60 -31.66
N VAL A 414 8.81 -2.54 -32.01
CA VAL A 414 7.78 -3.14 -31.15
C VAL A 414 8.01 -4.65 -31.04
N ASP A 415 8.24 -5.30 -32.18
CA ASP A 415 8.60 -6.70 -32.18
C ASP A 415 9.94 -6.94 -31.50
N GLU A 416 10.85 -5.97 -31.60
CA GLU A 416 12.14 -6.14 -30.93
C GLU A 416 12.01 -6.05 -29.42
N ILE A 417 11.19 -5.12 -28.92
CA ILE A 417 10.89 -5.05 -27.48
C ILE A 417 10.14 -6.31 -27.04
N ARG A 418 9.24 -6.81 -27.88
CA ARG A 418 8.56 -8.06 -27.56
C ARG A 418 9.56 -9.18 -27.29
N ASP A 419 10.56 -9.29 -28.17
CA ASP A 419 11.60 -10.32 -27.97
C ASP A 419 12.45 -10.03 -26.74
N TYR A 420 12.81 -8.76 -26.52
CA TYR A 420 13.72 -8.43 -25.43
C TYR A 420 13.09 -8.75 -24.06
N ILE A 421 11.82 -8.39 -23.86
CA ILE A 421 11.20 -8.68 -22.56
C ILE A 421 10.66 -10.10 -22.44
N GLY A 422 10.54 -10.82 -23.56
CA GLY A 422 10.25 -12.24 -23.51
C GLY A 422 8.80 -12.63 -23.41
N CYS A 423 7.93 -11.95 -24.14
CA CYS A 423 6.52 -12.27 -24.13
C CYS A 423 6.03 -12.70 -25.52
N ASP A 424 4.87 -13.35 -25.57
CA ASP A 424 4.38 -13.91 -26.82
C ASP A 424 3.88 -12.83 -27.77
N SER A 425 3.20 -11.81 -27.27
CA SER A 425 2.77 -10.69 -28.11
C SER A 425 3.04 -9.39 -27.35
N LEU A 426 3.05 -8.26 -28.06
CA LEU A 426 3.22 -6.97 -27.40
C LEU A 426 2.52 -5.89 -28.20
N ALA A 427 1.73 -5.06 -27.54
CA ALA A 427 0.96 -4.06 -28.26
C ALA A 427 0.89 -2.77 -27.46
N PHE A 428 1.15 -1.65 -28.11
CA PHE A 428 0.98 -0.35 -27.48
C PHE A 428 -0.34 0.28 -27.92
N LEU A 429 -0.77 1.26 -27.15
CA LEU A 429 -1.95 2.07 -27.50
C LEU A 429 -1.64 2.94 -28.71
N SER A 430 -2.49 2.89 -29.73
CA SER A 430 -2.26 3.69 -30.93
C SER A 430 -2.42 5.18 -30.63
N PHE A 431 -1.43 5.98 -31.03
CA PHE A 431 -1.45 7.43 -30.80
C PHE A 431 -2.68 8.07 -31.43
N GLU A 432 -3.03 7.62 -32.64
CA GLU A 432 -4.15 8.18 -33.40
C GLU A 432 -5.48 7.90 -32.72
N THR A 433 -5.66 6.69 -32.18
CA THR A 433 -6.89 6.40 -31.44
C THR A 433 -6.95 7.17 -30.12
N LEU A 434 -5.80 7.44 -29.50
CA LEU A 434 -5.77 8.32 -28.34
C LEU A 434 -6.32 9.70 -28.70
N LYS A 435 -5.77 10.30 -29.77
CA LYS A 435 -6.26 11.59 -30.22
C LYS A 435 -7.74 11.55 -30.60
N LYS A 436 -8.19 10.43 -31.19
CA LYS A 436 -9.61 10.30 -31.49
C LYS A 436 -10.45 10.33 -30.21
N HIS A 437 -10.02 9.59 -29.18
CA HIS A 437 -10.77 9.59 -27.92
C HIS A 437 -10.83 10.99 -27.31
N LEU A 438 -9.73 11.73 -27.40
CA LEU A 438 -9.78 13.10 -26.88
C LEU A 438 -10.74 13.97 -27.70
N GLY A 439 -10.75 13.79 -29.03
CA GLY A 439 -11.72 14.44 -29.88
C GLY A 439 -11.57 15.93 -29.97
N GLU A 440 -12.53 16.68 -29.40
CA GLU A 440 -12.49 18.13 -29.46
C GLU A 440 -11.23 18.67 -28.81
N ASP A 441 -10.86 18.12 -27.66
CA ASP A 441 -9.71 18.59 -26.90
C ASP A 441 -8.41 17.97 -27.36
N SER A 442 -8.39 17.22 -28.47
CA SER A 442 -7.12 16.65 -28.92
C SER A 442 -6.05 17.70 -29.16
N ARG A 443 -6.44 18.96 -29.44
CA ARG A 443 -5.49 20.04 -29.66
C ARG A 443 -4.95 20.64 -28.35
N SER A 444 -5.55 20.30 -27.20
CA SER A 444 -5.23 20.92 -25.93
C SER A 444 -4.15 20.16 -25.13
N PHE A 445 -3.38 19.27 -25.76
CA PHE A 445 -2.50 18.40 -25.01
C PHE A 445 -1.12 18.33 -25.63
N CYS A 446 -0.10 18.31 -24.78
CA CYS A 446 1.26 18.09 -25.23
C CYS A 446 1.44 16.59 -25.42
N TYR A 447 2.05 16.20 -26.53
CA TYR A 447 2.38 14.79 -26.79
C TYR A 447 3.85 14.63 -27.12
N ALA A 448 4.72 15.56 -26.72
CA ALA A 448 6.09 15.53 -27.20
C ALA A 448 6.78 14.22 -26.91
N CYS A 449 6.39 13.50 -25.85
CA CYS A 449 7.08 12.26 -25.56
C CYS A 449 6.69 11.13 -26.50
N PHE A 450 5.61 11.28 -27.27
CA PHE A 450 5.18 10.29 -28.25
C PHE A 450 5.55 10.67 -29.67
N THR A 451 5.70 11.96 -29.94
CA THR A 451 5.99 12.48 -31.27
C THR A 451 7.44 12.87 -31.45
N GLY A 452 7.99 13.65 -30.52
CA GLY A 452 9.29 14.27 -30.66
C GLY A 452 9.21 15.76 -30.93
N ASP A 453 8.01 16.29 -31.20
CA ASP A 453 7.83 17.70 -31.56
C ASP A 453 7.42 18.50 -30.33
N TYR A 454 8.27 19.47 -29.95
CA TYR A 454 7.92 20.11 -28.69
C TYR A 454 7.19 21.44 -28.93
N PRO A 455 6.12 21.71 -28.18
CA PRO A 455 5.46 23.03 -28.30
C PRO A 455 6.40 24.20 -27.99
N VAL A 456 7.26 24.05 -26.98
CA VAL A 456 8.26 25.05 -26.60
C VAL A 456 9.63 24.43 -26.77
N LYS A 457 10.46 25.02 -27.63
CA LYS A 457 11.67 24.23 -27.82
C LYS A 457 12.83 24.79 -27.02
N PRO A 458 13.65 23.89 -26.45
CA PRO A 458 14.83 24.33 -25.68
C PRO A 458 15.75 25.25 -26.47
N THR A 459 16.07 26.39 -25.85
CA THR A 459 16.91 27.42 -26.49
C THR A 459 18.40 27.04 -26.48
N GLU A 460 18.82 26.19 -25.54
CA GLU A 460 20.18 25.66 -25.42
C GLU A 460 20.10 24.35 -24.61
N ASP A 461 21.26 23.86 -24.14
CA ASP A 461 21.31 22.66 -23.29
C ASP A 461 20.45 22.83 -22.03
N LYS A 462 19.63 21.81 -21.72
CA LYS A 462 18.57 21.97 -20.75
C LYS A 462 18.57 20.82 -19.73
N VAL A 463 17.87 21.07 -18.61
CA VAL A 463 18.00 20.29 -17.39
C VAL A 463 16.63 19.80 -16.92
N LYS A 464 16.65 18.93 -15.92
CA LYS A 464 15.46 18.43 -15.19
C LYS A 464 15.47 19.24 -13.88
N ARG A 465 14.33 19.79 -13.47
CA ARG A 465 14.29 20.73 -12.31
C ARG A 465 14.78 20.15 -10.96
N GLY A 466 14.51 18.88 -10.64
CA GLY A 466 14.78 18.34 -9.30
C GLY A 466 16.23 18.34 -8.78
N GLY A 467 17.22 17.85 -9.53
CA GLY A 467 18.62 17.82 -9.07
C GLY A 467 18.81 17.42 -7.61
N ASP A 468 19.61 18.21 -6.87
CA ASP A 468 19.99 18.03 -5.44
C ASP A 468 20.72 19.30 -5.04
N PHE A 469 20.61 19.75 -3.80
CA PHE A 469 21.23 21.00 -3.34
C PHE A 469 22.66 20.70 -2.93
N ILE A 470 23.38 20.38 -4.02
CA ILE A 470 24.80 20.08 -4.08
C ILE A 470 25.34 20.84 -5.30
N ASP A 471 26.41 21.60 -5.09
CA ASP A 471 26.76 22.75 -5.91
C ASP A 471 28.07 22.55 -6.68
N ASP A 472 28.03 22.77 -8.00
CA ASP A 472 29.08 22.24 -8.94
C ASP A 472 30.57 22.67 -8.76
N CYS B 13 -1.27 -13.88 14.63
CA CYS B 13 0.20 -13.77 14.56
C CYS B 13 0.84 -14.67 13.46
N GLY B 14 2.15 -14.64 13.29
CA GLY B 14 2.79 -15.46 12.27
C GLY B 14 4.13 -15.96 12.78
N VAL B 15 4.50 -17.16 12.32
CA VAL B 15 5.75 -17.77 12.73
C VAL B 15 6.54 -18.22 11.51
N VAL B 16 7.85 -18.33 11.70
CA VAL B 16 8.82 -18.70 10.65
C VAL B 16 9.97 -19.47 11.28
N GLY B 17 10.50 -20.46 10.56
CA GLY B 17 11.73 -21.11 10.96
C GLY B 17 12.59 -21.51 9.77
N ILE B 18 13.91 -21.42 9.89
CA ILE B 18 14.85 -21.83 8.85
C ILE B 18 15.93 -22.66 9.50
N TYR B 19 16.22 -23.81 8.91
CA TYR B 19 17.35 -24.63 9.30
C TYR B 19 18.25 -24.82 8.10
N GLY B 20 19.56 -24.64 8.31
CA GLY B 20 20.58 -25.00 7.35
C GLY B 20 20.83 -23.95 6.29
N ASP B 21 20.99 -22.69 6.71
CA ASP B 21 21.29 -21.61 5.79
C ASP B 21 22.07 -20.52 6.50
N SER B 22 23.21 -20.14 5.92
CA SER B 22 24.13 -19.18 6.49
C SER B 22 23.56 -17.78 6.54
N GLU B 23 22.42 -17.55 5.92
CA GLU B 23 21.71 -16.27 6.01
C GLU B 23 20.38 -16.42 6.73
N ALA B 24 20.37 -17.23 7.81
CA ALA B 24 19.13 -17.54 8.48
C ALA B 24 18.41 -16.28 9.00
N SER B 25 19.13 -15.35 9.60
CA SER B 25 18.48 -14.15 10.13
C SER B 25 17.89 -13.30 9.01
N ARG B 26 18.62 -13.13 7.91
CA ARG B 26 18.14 -12.32 6.80
C ARG B 26 16.89 -12.94 6.17
N LEU B 27 16.95 -14.24 5.91
CA LEU B 27 15.82 -14.97 5.34
C LEU B 27 14.62 -14.98 6.30
N CYS B 28 14.89 -15.03 7.60
CA CYS B 28 13.82 -14.95 8.58
C CYS B 28 13.16 -13.59 8.56
N TYR B 29 13.96 -12.53 8.51
CA TYR B 29 13.47 -11.17 8.33
C TYR B 29 12.59 -11.06 7.09
N LEU B 30 13.05 -11.60 5.96
CA LEU B 30 12.26 -11.49 4.74
C LEU B 30 10.94 -12.25 4.86
N ALA B 31 10.97 -13.44 5.45
CA ALA B 31 9.72 -14.19 5.58
C ALA B 31 8.77 -13.51 6.56
N LEU B 32 9.30 -12.96 7.64
CA LEU B 32 8.48 -12.16 8.53
C LEU B 32 7.89 -10.95 7.79
N HIS B 33 8.65 -10.37 6.88
CA HIS B 33 8.08 -9.28 6.08
C HIS B 33 6.93 -9.80 5.24
N ALA B 34 7.13 -10.94 4.59
CA ALA B 34 6.07 -11.53 3.77
C ALA B 34 4.85 -11.93 4.60
N LEU B 35 4.98 -12.03 5.91
CA LEU B 35 3.85 -12.34 6.77
C LEU B 35 3.40 -11.16 7.58
N GLN B 36 3.93 -9.97 7.31
CA GLN B 36 3.65 -8.80 8.14
C GLN B 36 2.17 -8.58 8.38
N HIS B 37 1.30 -8.98 7.44
CA HIS B 37 -0.14 -8.77 7.65
C HIS B 37 -0.68 -9.52 8.87
N ARG B 38 -0.04 -10.63 9.27
CA ARG B 38 -0.49 -11.44 10.40
C ARG B 38 -0.33 -10.74 11.72
N GLY B 39 0.62 -9.81 11.84
CA GLY B 39 0.79 -9.06 13.08
C GLY B 39 1.71 -7.85 12.99
N GLN B 40 1.20 -6.66 13.34
CA GLN B 40 1.96 -5.42 13.16
C GLN B 40 2.47 -4.79 14.44
N GLU B 41 2.11 -5.31 15.61
CA GLU B 41 2.46 -4.71 16.88
C GLU B 41 3.87 -5.04 17.31
N GLY B 42 4.39 -6.21 16.90
CA GLY B 42 5.74 -6.59 17.30
C GLY B 42 6.43 -7.50 16.30
N ALA B 43 7.75 -7.70 16.50
CA ALA B 43 8.52 -8.66 15.71
C ALA B 43 9.74 -9.13 16.49
N GLY B 44 10.29 -10.25 16.05
CA GLY B 44 11.49 -10.75 16.72
C GLY B 44 12.11 -11.93 16.02
N ILE B 45 13.42 -12.12 16.21
CA ILE B 45 14.15 -13.24 15.60
C ILE B 45 15.07 -13.84 16.66
N VAL B 46 15.25 -15.16 16.58
CA VAL B 46 16.21 -15.90 17.41
C VAL B 46 17.02 -16.76 16.47
N THR B 47 18.36 -16.59 16.51
CA THR B 47 19.31 -17.30 15.63
C THR B 47 20.42 -17.94 16.43
N VAL B 48 20.82 -19.14 16.01
CA VAL B 48 21.86 -19.93 16.67
C VAL B 48 23.22 -19.60 16.07
N SER B 49 24.10 -19.01 16.88
CA SER B 49 25.46 -18.72 16.46
C SER B 49 26.24 -19.99 16.14
N LYS B 50 27.38 -19.83 15.48
CA LYS B 50 28.20 -21.00 15.19
C LYS B 50 28.74 -21.64 16.45
N ASP B 51 28.80 -20.89 17.54
CA ASP B 51 29.22 -21.40 18.85
C ASP B 51 28.06 -21.94 19.67
N LYS B 52 26.88 -22.14 19.05
CA LYS B 52 25.72 -22.75 19.70
C LYS B 52 25.16 -21.87 20.82
N VAL B 53 25.10 -20.55 20.64
CA VAL B 53 24.36 -19.70 21.56
C VAL B 53 23.20 -19.07 20.82
N LEU B 54 22.09 -18.90 21.53
CA LEU B 54 20.85 -18.38 20.96
C LEU B 54 20.88 -16.87 21.11
N GLN B 55 21.17 -16.19 20.02
CA GLN B 55 21.13 -14.74 20.01
C GLN B 55 19.73 -14.32 19.59
N THR B 56 19.15 -13.36 20.31
CA THR B 56 17.78 -12.94 20.08
C THR B 56 17.68 -11.42 20.05
N ILE B 57 16.94 -10.88 19.09
CA ILE B 57 16.62 -9.45 19.08
C ILE B 57 15.14 -9.27 18.73
N THR B 58 14.48 -8.41 19.50
CA THR B 58 13.03 -8.43 19.66
C THR B 58 12.49 -7.06 20.02
N GLY B 59 11.48 -6.60 19.28
CA GLY B 59 10.97 -5.26 19.55
C GLY B 59 9.55 -5.01 19.13
N VAL B 60 9.07 -3.79 19.48
CA VAL B 60 7.73 -3.31 19.17
C VAL B 60 7.77 -2.56 17.85
N GLY B 61 6.83 -2.85 16.95
CA GLY B 61 6.77 -2.17 15.67
C GLY B 61 6.78 -3.12 14.50
N LEU B 62 7.02 -2.60 13.30
CA LEU B 62 6.98 -3.48 12.15
C LEU B 62 8.30 -4.25 12.02
N VAL B 63 8.34 -5.22 11.11
CA VAL B 63 9.59 -5.96 10.96
C VAL B 63 10.71 -5.01 10.53
N SER B 64 10.38 -4.01 9.68
CA SER B 64 11.40 -3.07 9.21
C SER B 64 11.76 -2.05 10.28
N GLU B 65 10.81 -1.65 11.11
CA GLU B 65 11.10 -0.78 12.24
C GLU B 65 11.89 -1.47 13.34
N VAL B 66 11.83 -2.80 13.42
CA VAL B 66 12.50 -3.50 14.50
C VAL B 66 13.90 -3.90 14.11
N PHE B 67 14.06 -4.30 12.84
CA PHE B 67 15.32 -4.84 12.33
C PHE B 67 15.94 -3.90 11.29
N SER B 68 17.13 -3.42 11.58
CA SER B 68 18.00 -2.74 10.64
C SER B 68 19.06 -3.72 10.16
N GLU B 69 19.69 -3.38 9.03
CA GLU B 69 20.81 -4.18 8.55
C GLU B 69 21.89 -4.29 9.61
N SER B 70 22.06 -3.25 10.43
CA SER B 70 23.02 -3.31 11.53
C SER B 70 22.66 -4.43 12.51
N LYS B 71 21.35 -4.58 12.80
CA LYS B 71 20.92 -5.59 13.77
C LYS B 71 20.92 -6.99 13.18
N LEU B 72 20.41 -7.17 11.96
CA LEU B 72 20.59 -8.45 11.28
C LEU B 72 22.05 -8.89 11.31
N ASP B 73 22.98 -7.94 11.29
CA ASP B 73 24.40 -8.31 11.32
C ASP B 73 24.80 -8.93 12.65
N GLN B 74 24.07 -8.67 13.73
CA GLN B 74 24.40 -9.24 15.04
C GLN B 74 23.78 -10.61 15.25
N LEU B 75 23.23 -11.22 14.20
CA LEU B 75 22.57 -12.51 14.27
C LEU B 75 23.16 -13.46 13.24
N PRO B 76 24.41 -13.85 13.41
CA PRO B 76 24.98 -14.86 12.49
C PRO B 76 24.54 -16.26 12.90
N GLY B 77 24.44 -17.15 11.92
CA GLY B 77 24.15 -18.53 12.26
C GLY B 77 23.36 -19.23 11.19
N ASP B 78 23.17 -20.53 11.42
CA ASP B 78 22.55 -21.44 10.46
C ASP B 78 21.08 -21.74 10.74
N ILE B 79 20.60 -21.47 11.96
CA ILE B 79 19.23 -21.78 12.39
C ILE B 79 18.60 -20.52 12.96
N ALA B 80 17.34 -20.27 12.60
CA ALA B 80 16.63 -19.13 13.19
C ALA B 80 15.12 -19.32 13.12
N ILE B 81 14.43 -18.88 14.15
CA ILE B 81 12.98 -18.79 14.14
C ILE B 81 12.63 -17.32 14.29
N GLY B 82 11.42 -16.99 13.90
CA GLY B 82 10.99 -15.61 13.85
C GLY B 82 9.51 -15.55 14.11
N HIS B 83 9.08 -14.48 14.75
CA HIS B 83 7.69 -14.30 15.11
C HIS B 83 7.27 -12.88 14.78
N VAL B 84 6.02 -12.74 14.37
CA VAL B 84 5.42 -11.44 14.07
C VAL B 84 4.08 -11.37 14.80
N ARG B 85 3.84 -10.28 15.52
CA ARG B 85 2.90 -10.33 16.65
C ARG B 85 1.78 -9.30 16.55
N TYR B 86 0.55 -9.76 16.75
CA TYR B 86 -0.65 -8.94 16.86
C TYR B 86 -0.96 -8.64 18.32
N SER B 87 -1.39 -7.41 18.60
CA SER B 87 -1.75 -7.05 19.97
C SER B 87 -2.71 -5.87 20.01
N THR B 88 -3.75 -6.00 20.82
CA THR B 88 -4.70 -4.91 20.99
C THR B 88 -4.12 -3.76 21.81
N ALA B 89 -2.92 -3.92 22.36
CA ALA B 89 -2.22 -2.78 22.92
C ALA B 89 -1.73 -1.84 21.83
N GLY B 90 -1.87 -2.22 20.56
CA GLY B 90 -1.45 -1.41 19.43
C GLY B 90 -0.08 -0.80 19.59
N SER B 91 0.08 0.48 19.22
CA SER B 91 1.38 1.12 19.35
C SER B 91 1.71 1.50 20.79
N SER B 92 0.75 1.42 21.71
CA SER B 92 0.99 1.67 23.12
C SER B 92 1.62 0.48 23.85
N MET B 93 2.19 -0.48 23.09
CA MET B 93 2.81 -1.65 23.68
C MET B 93 4.13 -1.29 24.34
N LEU B 94 4.34 -1.77 25.57
CA LEU B 94 5.51 -1.43 26.37
C LEU B 94 6.68 -2.37 26.10
N LYS B 95 6.45 -3.69 26.06
CA LYS B 95 7.47 -4.70 25.85
C LYS B 95 6.91 -5.83 25.01
N ASN B 96 7.79 -6.46 24.23
CA ASN B 96 7.50 -7.68 23.47
C ASN B 96 8.74 -8.54 23.53
N VAL B 97 8.59 -9.79 23.96
CA VAL B 97 9.77 -10.68 24.03
C VAL B 97 9.47 -11.95 23.25
N GLN B 98 8.64 -11.88 22.22
CA GLN B 98 8.31 -13.11 21.46
C GLN B 98 9.01 -13.06 20.09
N PRO B 99 9.84 -14.03 19.62
CA PRO B 99 10.01 -15.39 20.17
C PRO B 99 10.63 -15.52 21.57
N PHE B 100 10.04 -16.35 22.41
CA PHE B 100 10.46 -16.45 23.82
C PHE B 100 11.64 -17.40 23.95
N VAL B 101 12.64 -17.00 24.68
CA VAL B 101 13.81 -17.87 24.86
C VAL B 101 14.05 -18.14 26.34
N ALA B 102 14.57 -19.32 26.64
CA ALA B 102 14.87 -19.62 28.03
C ALA B 102 15.93 -20.70 28.12
N GLY B 103 16.51 -20.83 29.30
CA GLY B 103 17.46 -21.90 29.57
C GLY B 103 16.95 -22.78 30.70
N TYR B 104 17.24 -24.07 30.61
CA TYR B 104 16.75 -25.06 31.57
C TYR B 104 17.74 -26.22 31.56
N ARG B 105 17.44 -27.28 32.33
CA ARG B 105 18.47 -28.31 32.57
C ARG B 105 19.02 -28.90 31.29
N PHE B 106 18.24 -28.96 30.21
CA PHE B 106 18.72 -29.61 29.01
C PHE B 106 19.26 -28.65 27.96
N GLY B 107 19.50 -27.39 28.30
CA GLY B 107 20.10 -26.44 27.39
C GLY B 107 19.22 -25.22 27.20
N SER B 108 19.21 -24.69 25.98
CA SER B 108 18.53 -23.45 25.68
C SER B 108 17.55 -23.67 24.55
N VAL B 109 16.38 -23.04 24.64
CA VAL B 109 15.34 -23.24 23.63
C VAL B 109 14.57 -21.94 23.45
N GLY B 110 14.22 -21.65 22.20
CA GLY B 110 13.30 -20.58 21.88
C GLY B 110 12.10 -21.11 21.12
N VAL B 111 10.98 -20.42 21.24
CA VAL B 111 9.74 -20.88 20.60
C VAL B 111 8.98 -19.66 20.12
N ALA B 112 8.37 -19.81 18.94
CA ALA B 112 7.45 -18.85 18.34
C ALA B 112 6.11 -19.53 18.12
N HIS B 113 5.04 -18.90 18.56
CA HIS B 113 3.75 -19.57 18.62
C HIS B 113 2.66 -18.72 17.97
N ASN B 114 1.75 -19.39 17.29
CA ASN B 114 0.57 -18.76 16.72
C ASN B 114 -0.59 -19.61 17.18
N GLY B 115 -1.48 -19.03 17.98
CA GLY B 115 -2.59 -19.82 18.50
C GLY B 115 -3.08 -19.28 19.82
N ASN B 116 -3.69 -20.17 20.60
CA ASN B 116 -4.26 -19.77 21.88
C ASN B 116 -4.49 -21.02 22.71
N LEU B 117 -3.93 -21.04 23.91
CA LEU B 117 -4.15 -22.12 24.84
C LEU B 117 -5.41 -21.80 25.64
N VAL B 118 -6.46 -22.57 25.40
CA VAL B 118 -7.73 -22.38 26.10
C VAL B 118 -7.58 -22.59 27.61
N ASN B 119 -6.73 -23.54 28.03
CA ASN B 119 -6.54 -23.87 29.44
C ASN B 119 -5.31 -23.19 30.04
N TYR B 120 -5.02 -21.95 29.61
CA TYR B 120 -3.83 -21.26 30.10
C TYR B 120 -3.90 -21.04 31.60
N THR B 121 -5.03 -20.52 32.12
CA THR B 121 -5.01 -20.14 33.52
C THR B 121 -4.88 -21.35 34.44
N LYS B 122 -5.51 -22.48 34.08
CA LYS B 122 -5.33 -23.68 34.88
C LYS B 122 -3.89 -24.17 34.82
N LEU B 123 -3.29 -24.25 33.62
CA LEU B 123 -1.89 -24.66 33.50
C LEU B 123 -0.97 -23.75 34.30
N ARG B 124 -1.17 -22.44 34.19
CA ARG B 124 -0.33 -21.49 34.92
C ARG B 124 -0.52 -21.61 36.42
N ALA B 125 -1.76 -21.76 36.89
CA ALA B 125 -1.96 -21.89 38.33
C ALA B 125 -1.29 -23.17 38.86
N ASP B 126 -1.41 -24.27 38.13
CA ASP B 126 -0.79 -25.50 38.60
C ASP B 126 0.73 -25.36 38.63
N LEU B 127 1.31 -24.72 37.63
CA LEU B 127 2.77 -24.46 37.66
C LEU B 127 3.15 -23.48 38.77
N GLU B 128 2.31 -22.47 39.03
CA GLU B 128 2.57 -21.51 40.09
C GLU B 128 2.56 -22.17 41.46
N GLU B 129 1.76 -23.24 41.61
CA GLU B 129 1.67 -23.92 42.88
C GLU B 129 2.99 -24.59 43.26
N ASN B 130 3.89 -24.78 42.32
CA ASN B 130 5.17 -25.41 42.62
C ASN B 130 6.32 -24.44 42.47
N GLY B 131 6.03 -23.15 42.46
CA GLY B 131 7.04 -22.14 42.51
C GLY B 131 7.49 -21.58 41.19
N SER B 132 6.72 -21.77 40.12
CA SER B 132 7.08 -21.20 38.84
C SER B 132 6.84 -19.70 38.86
N ILE B 133 7.71 -18.95 38.19
CA ILE B 133 7.45 -17.53 37.96
C ILE B 133 7.23 -17.31 36.47
N PHE B 134 6.57 -16.21 36.14
CA PHE B 134 6.22 -15.93 34.76
C PHE B 134 6.66 -14.51 34.42
N ASN B 135 7.56 -14.40 33.46
CA ASN B 135 8.03 -13.09 33.02
C ASN B 135 6.94 -12.38 32.20
N THR B 136 6.17 -13.15 31.42
CA THR B 136 5.11 -12.67 30.54
C THR B 136 3.85 -13.48 30.79
N SER B 137 2.70 -12.99 30.32
CA SER B 137 1.50 -13.81 30.44
C SER B 137 1.18 -14.60 29.16
N SER B 138 2.17 -14.83 28.30
CA SER B 138 1.94 -15.45 27.00
C SER B 138 1.93 -16.97 27.09
N ASP B 139 1.23 -17.61 26.13
CA ASP B 139 1.11 -19.07 26.16
C ASP B 139 2.46 -19.70 25.97
N THR B 140 3.31 -19.07 25.20
CA THR B 140 4.56 -19.71 24.85
C THR B 140 5.46 -19.90 26.07
N GLU B 141 5.34 -19.03 27.08
CA GLU B 141 6.13 -19.27 28.30
C GLU B 141 5.59 -20.49 29.06
N VAL B 142 4.27 -20.71 29.03
CA VAL B 142 3.71 -21.92 29.62
C VAL B 142 4.20 -23.16 28.88
N VAL B 143 4.27 -23.10 27.54
CA VAL B 143 4.82 -24.23 26.77
C VAL B 143 6.24 -24.54 27.23
N LEU B 144 7.08 -23.51 27.35
CA LEU B 144 8.48 -23.75 27.77
C LEU B 144 8.54 -24.32 29.18
N HIS B 145 7.70 -23.80 30.09
CA HIS B 145 7.64 -24.34 31.44
C HIS B 145 7.31 -25.81 31.45
N LEU B 146 6.32 -26.20 30.63
CA LEU B 146 5.89 -27.60 30.59
C LEU B 146 6.99 -28.49 30.05
N ILE B 147 7.61 -28.08 28.95
CA ILE B 147 8.79 -28.80 28.44
C ILE B 147 9.83 -28.97 29.55
N ALA B 148 10.07 -27.90 30.32
CA ALA B 148 11.14 -27.94 31.31
C ALA B 148 10.85 -28.93 32.43
N ILE B 149 9.60 -29.00 32.93
CA ILE B 149 9.31 -29.98 33.98
C ILE B 149 9.24 -31.41 33.45
N SER B 150 9.25 -31.60 32.14
CA SER B 150 9.31 -32.95 31.62
C SER B 150 10.66 -33.59 31.89
N LYS B 151 10.61 -34.85 32.24
CA LYS B 151 11.76 -35.65 32.58
C LYS B 151 12.14 -36.59 31.43
N ALA B 152 11.50 -36.43 30.28
CA ALA B 152 11.80 -37.35 29.17
C ALA B 152 12.94 -36.82 28.34
N ARG B 153 13.52 -37.67 27.52
CA ARG B 153 14.62 -37.35 26.58
C ARG B 153 14.31 -38.19 25.34
N PRO B 154 14.47 -37.71 24.10
CA PRO B 154 15.06 -36.44 23.80
C PRO B 154 14.13 -35.23 23.86
N PHE B 155 14.54 -34.15 23.20
CA PHE B 155 13.78 -32.91 23.26
C PHE B 155 12.38 -33.08 22.71
N PHE B 156 12.24 -33.83 21.60
CA PHE B 156 10.91 -33.96 21.04
C PHE B 156 9.99 -34.73 21.96
N MET B 157 10.54 -35.63 22.78
CA MET B 157 9.68 -36.33 23.72
C MET B 157 9.12 -35.37 24.76
N ARG B 158 9.94 -34.39 25.17
CA ARG B 158 9.45 -33.39 26.09
C ARG B 158 8.43 -32.48 25.43
N ILE B 159 8.63 -32.14 24.15
CA ILE B 159 7.60 -31.40 23.42
C ILE B 159 6.29 -32.18 23.41
N VAL B 160 6.37 -33.50 23.18
CA VAL B 160 5.16 -34.35 23.17
C VAL B 160 4.49 -34.34 24.54
N ASP B 161 5.30 -34.53 25.59
CA ASP B 161 4.78 -34.47 26.94
C ASP B 161 4.05 -33.16 27.19
N ALA B 162 4.64 -32.04 26.73
CA ALA B 162 4.05 -30.74 27.01
C ALA B 162 2.77 -30.55 26.22
N CYS B 163 2.78 -30.92 24.95
CA CYS B 163 1.61 -30.70 24.11
C CYS B 163 0.41 -31.50 24.59
N GLU B 164 0.64 -32.69 25.15
CA GLU B 164 -0.50 -33.48 25.64
C GLU B 164 -1.27 -32.78 26.76
N LYS B 165 -0.70 -31.76 27.39
CA LYS B 165 -1.40 -31.04 28.42
C LYS B 165 -2.05 -29.78 27.91
N LEU B 166 -1.82 -29.42 26.66
CA LEU B 166 -2.34 -28.17 26.11
C LEU B 166 -3.66 -28.44 25.41
N GLN B 167 -4.69 -27.69 25.82
CA GLN B 167 -5.92 -27.60 25.04
C GLN B 167 -5.93 -26.29 24.26
N GLY B 168 -6.33 -26.36 23.00
CA GLY B 168 -6.49 -25.15 22.21
C GLY B 168 -5.75 -25.23 20.89
N ALA B 169 -5.46 -24.06 20.34
CA ALA B 169 -4.80 -23.95 19.05
C ALA B 169 -3.32 -23.66 19.27
N TYR B 170 -2.47 -24.27 18.47
CA TYR B 170 -1.06 -23.90 18.45
C TYR B 170 -0.39 -24.38 17.17
N SER B 171 0.29 -23.46 16.49
CA SER B 171 1.31 -23.82 15.51
C SER B 171 2.58 -23.16 15.99
N MET B 172 3.60 -23.97 16.26
CA MET B 172 4.77 -23.48 16.93
C MET B 172 6.01 -23.90 16.15
N VAL B 173 7.07 -23.10 16.28
CA VAL B 173 8.40 -23.52 15.88
C VAL B 173 9.33 -23.33 17.06
N PHE B 174 10.08 -24.38 17.36
CA PHE B 174 11.07 -24.45 18.42
C PHE B 174 12.44 -24.41 17.77
N VAL B 175 13.38 -23.73 18.42
CA VAL B 175 14.80 -23.74 18.03
C VAL B 175 15.64 -24.11 19.25
N THR B 176 16.62 -24.99 19.06
CA THR B 176 17.60 -25.32 20.09
C THR B 176 19.01 -25.14 19.56
N GLU B 177 20.02 -25.56 20.32
CA GLU B 177 21.41 -25.39 19.91
C GLU B 177 21.72 -26.09 18.58
N ASP B 178 20.92 -27.08 18.17
CA ASP B 178 21.20 -27.69 16.87
C ASP B 178 20.00 -28.32 16.19
N LYS B 179 18.77 -27.93 16.55
CA LYS B 179 17.58 -28.51 15.97
C LYS B 179 16.56 -27.41 15.72
N LEU B 180 15.71 -27.65 14.72
CA LEU B 180 14.55 -26.81 14.47
C LEU B 180 13.36 -27.75 14.43
N VAL B 181 12.35 -27.53 15.26
CA VAL B 181 11.20 -28.44 15.22
C VAL B 181 9.91 -27.65 15.08
N ALA B 182 8.98 -28.19 14.29
CA ALA B 182 7.69 -27.60 14.00
C ALA B 182 6.60 -28.45 14.63
N VAL B 183 5.60 -27.81 15.19
CA VAL B 183 4.52 -28.51 15.86
C VAL B 183 3.19 -27.94 15.40
N ARG B 184 2.28 -28.83 15.00
CA ARG B 184 0.91 -28.42 14.72
C ARG B 184 -0.04 -29.23 15.60
N ASP B 185 -0.93 -28.52 16.29
CA ASP B 185 -1.86 -29.10 17.26
C ASP B 185 -2.81 -30.07 16.57
N PRO B 186 -3.37 -31.01 17.32
CA PRO B 186 -4.12 -32.12 16.69
C PRO B 186 -5.34 -31.66 15.91
N HIS B 187 -5.95 -30.55 16.27
CA HIS B 187 -7.06 -30.07 15.46
C HIS B 187 -6.62 -29.34 14.20
N GLY B 188 -5.35 -28.94 14.12
CA GLY B 188 -4.90 -28.16 12.99
C GLY B 188 -5.55 -26.78 12.85
N PHE B 189 -5.93 -26.15 13.98
CA PHE B 189 -6.63 -24.86 13.93
C PHE B 189 -5.92 -23.82 13.07
N ARG B 190 -4.59 -23.78 13.15
CA ARG B 190 -3.70 -22.75 12.63
C ARG B 190 -2.81 -23.28 11.52
N PRO B 191 -2.65 -22.52 10.44
CA PRO B 191 -1.80 -22.97 9.33
C PRO B 191 -0.33 -23.02 9.71
N LEU B 192 0.35 -24.02 9.16
CA LEU B 192 1.80 -24.18 9.19
C LEU B 192 2.17 -25.02 7.98
N VAL B 193 3.19 -24.59 7.23
CA VAL B 193 3.60 -25.23 5.99
C VAL B 193 5.12 -25.26 5.93
N MET B 194 5.63 -26.25 5.17
CA MET B 194 7.06 -26.52 5.05
C MET B 194 7.53 -26.41 3.60
N GLY B 195 8.74 -25.90 3.41
CA GLY B 195 9.32 -25.77 2.08
C GLY B 195 10.81 -25.95 2.16
N ARG B 196 11.43 -26.13 0.97
CA ARG B 196 12.87 -26.36 0.87
C ARG B 196 13.50 -25.39 -0.12
N ARG B 197 14.66 -24.84 0.24
CA ARG B 197 15.43 -23.97 -0.66
C ARG B 197 16.28 -24.78 -1.64
N SER B 198 17.07 -24.10 -2.47
CA SER B 198 17.92 -24.80 -3.44
C SER B 198 19.00 -25.64 -2.75
N ASN B 199 19.77 -25.03 -1.84
CA ASN B 199 20.54 -25.78 -0.86
C ASN B 199 19.60 -26.52 0.09
N GLY B 200 20.17 -27.24 1.03
CA GLY B 200 19.30 -28.11 1.82
C GLY B 200 18.26 -27.41 2.67
N ALA B 201 18.29 -26.08 2.70
CA ALA B 201 17.59 -25.29 3.71
C ALA B 201 16.10 -25.62 3.81
N VAL B 202 15.65 -25.88 5.03
CA VAL B 202 14.27 -26.23 5.32
C VAL B 202 13.61 -25.06 6.04
N VAL B 203 12.43 -24.63 5.59
CA VAL B 203 11.75 -23.52 6.23
C VAL B 203 10.31 -23.88 6.55
N PHE B 204 9.84 -23.40 7.70
CA PHE B 204 8.44 -23.48 8.09
C PHE B 204 7.88 -22.06 8.13
N ALA B 205 6.61 -21.93 7.75
CA ALA B 205 5.97 -20.62 7.78
C ALA B 205 4.49 -20.78 8.01
N SER B 206 3.91 -19.71 8.55
CA SER B 206 2.48 -19.69 8.78
C SER B 206 1.69 -19.74 7.48
N GLU B 207 2.22 -19.20 6.37
CA GLU B 207 1.55 -19.18 5.07
C GLU B 207 2.54 -19.44 3.97
N THR B 208 2.05 -19.92 2.83
CA THR B 208 2.97 -20.29 1.77
C THR B 208 3.63 -19.07 1.13
N CYS B 209 3.02 -17.88 1.27
CA CYS B 209 3.56 -16.69 0.64
C CYS B 209 4.95 -16.33 1.15
N ALA B 210 5.19 -16.54 2.45
CA ALA B 210 6.54 -16.38 3.00
C ALA B 210 7.52 -17.36 2.39
N LEU B 211 7.11 -18.62 2.16
CA LEU B 211 7.95 -19.57 1.44
C LEU B 211 8.27 -19.06 0.05
N ASP B 212 7.22 -18.60 -0.65
CA ASP B 212 7.37 -18.15 -2.03
C ASP B 212 8.39 -17.02 -2.14
N LEU B 213 8.38 -16.08 -1.19
CA LEU B 213 9.26 -14.93 -1.30
C LEU B 213 10.73 -15.35 -1.30
N ILE B 214 11.12 -16.20 -0.35
CA ILE B 214 12.52 -16.61 -0.20
C ILE B 214 12.81 -17.91 -0.94
N GLU B 215 11.99 -18.23 -1.95
CA GLU B 215 12.29 -19.30 -2.91
C GLU B 215 12.52 -20.64 -2.22
N ALA B 216 11.72 -20.92 -1.20
CA ALA B 216 11.61 -22.26 -0.62
C ALA B 216 10.39 -22.90 -1.25
N THR B 217 10.61 -23.90 -2.09
CA THR B 217 9.52 -24.56 -2.76
C THR B 217 8.60 -25.23 -1.76
N TYR B 218 7.31 -24.93 -1.87
CA TYR B 218 6.29 -25.55 -1.04
C TYR B 218 6.31 -27.06 -1.20
N GLU B 219 6.42 -27.79 -0.08
CA GLU B 219 6.38 -29.25 -0.10
C GLU B 219 5.06 -29.79 0.40
N ARG B 220 4.69 -29.49 1.65
CA ARG B 220 3.44 -30.01 2.19
C ARG B 220 3.04 -29.19 3.41
N GLU B 221 1.77 -29.31 3.78
CA GLU B 221 1.35 -28.88 5.11
C GLU B 221 2.09 -29.67 6.19
N VAL B 222 2.34 -29.00 7.30
CA VAL B 222 2.58 -29.73 8.53
C VAL B 222 1.24 -30.28 9.00
N TYR B 223 1.22 -31.54 9.36
CA TYR B 223 -0.09 -32.14 9.56
C TYR B 223 -0.61 -31.90 10.97
N PRO B 224 -1.92 -31.83 11.13
CA PRO B 224 -2.48 -31.70 12.49
C PRO B 224 -1.95 -32.81 13.38
N GLY B 225 -1.44 -32.42 14.54
CA GLY B 225 -0.83 -33.33 15.47
C GLY B 225 0.59 -33.72 15.18
N GLU B 226 1.27 -33.02 14.27
CA GLU B 226 2.60 -33.47 13.88
C GLU B 226 3.70 -32.74 14.64
N VAL B 227 4.79 -33.47 14.88
CA VAL B 227 6.00 -32.92 15.49
C VAL B 227 7.13 -33.27 14.54
N LEU B 228 7.42 -32.37 13.61
CA LEU B 228 8.52 -32.51 12.67
C LEU B 228 9.79 -31.97 13.31
N VAL B 229 10.90 -32.66 13.11
CA VAL B 229 12.15 -32.15 13.65
C VAL B 229 13.23 -32.29 12.60
N VAL B 230 13.98 -31.22 12.36
CA VAL B 230 15.05 -31.20 11.37
C VAL B 230 16.35 -30.91 12.10
N ASP B 231 17.36 -31.70 11.80
CA ASP B 231 18.69 -31.60 12.38
C ASP B 231 19.69 -31.98 11.29
N LYS B 232 20.90 -32.42 11.68
CA LYS B 232 21.92 -32.79 10.70
C LYS B 232 21.41 -33.93 9.81
N ASP B 233 20.68 -34.90 10.39
CA ASP B 233 20.19 -36.04 9.61
C ASP B 233 19.20 -35.62 8.53
N GLY B 234 18.35 -34.63 8.82
CA GLY B 234 17.37 -34.10 7.89
C GLY B 234 16.04 -33.89 8.58
N VAL B 235 14.96 -33.84 7.79
CA VAL B 235 13.59 -33.67 8.29
C VAL B 235 12.99 -35.03 8.62
N LYS B 236 12.47 -35.20 9.84
CA LYS B 236 11.87 -36.48 10.22
C LYS B 236 10.63 -36.23 11.07
N CYS B 237 9.51 -36.84 10.68
CA CYS B 237 8.31 -36.79 11.51
C CYS B 237 8.50 -37.75 12.67
N GLN B 238 8.64 -37.24 13.89
CA GLN B 238 8.87 -38.11 15.03
C GLN B 238 7.67 -38.21 15.98
N CYS B 239 6.54 -37.63 15.60
CA CYS B 239 5.31 -37.93 16.33
C CYS B 239 4.13 -37.45 15.51
N LEU B 240 3.13 -38.31 15.34
CA LEU B 240 1.83 -37.93 14.82
C LEU B 240 0.83 -38.16 15.94
N MET B 241 0.82 -37.23 16.89
CA MET B 241 0.00 -37.32 18.09
C MET B 241 -1.45 -37.59 17.70
N PRO B 242 -2.18 -38.36 18.53
CA PRO B 242 -3.60 -38.60 18.28
C PRO B 242 -4.40 -37.30 18.08
N HIS B 243 -5.20 -37.30 17.04
CA HIS B 243 -5.93 -36.09 16.64
C HIS B 243 -7.24 -36.49 16.01
N PRO B 244 -8.34 -35.80 16.27
CA PRO B 244 -9.63 -36.18 15.77
C PRO B 244 -9.90 -35.62 14.37
N GLU B 245 -11.17 -35.54 14.02
CA GLU B 245 -11.47 -34.88 12.73
C GLU B 245 -10.99 -33.43 12.91
N PRO B 246 -10.29 -32.83 11.93
CA PRO B 246 -9.77 -31.51 12.07
C PRO B 246 -10.80 -30.41 12.23
N LYS B 247 -10.31 -29.25 12.62
CA LYS B 247 -11.12 -28.06 12.79
C LYS B 247 -10.24 -26.85 12.42
N GLN B 248 -9.85 -26.78 11.14
CA GLN B 248 -9.01 -25.70 10.65
C GLN B 248 -9.81 -24.39 10.57
N CYS B 249 -9.24 -23.27 11.04
CA CYS B 249 -9.97 -22.00 11.09
C CYS B 249 -10.44 -21.52 9.72
N ILE B 250 -11.76 -21.42 9.54
CA ILE B 250 -12.29 -20.94 8.27
C ILE B 250 -11.96 -19.46 8.06
N PHE B 251 -11.70 -18.72 9.14
CA PHE B 251 -11.42 -17.31 8.99
C PHE B 251 -10.08 -17.07 8.31
N GLU B 252 -9.18 -18.06 8.29
CA GLU B 252 -8.01 -17.91 7.44
C GLU B 252 -8.42 -17.68 6.00
N HIS B 253 -9.41 -18.43 5.51
CA HIS B 253 -9.85 -18.22 4.15
C HIS B 253 -10.72 -16.99 4.01
N ILE B 254 -11.57 -16.71 4.99
CA ILE B 254 -12.45 -15.55 4.92
C ILE B 254 -11.66 -14.24 4.92
N TYR B 255 -10.69 -14.10 5.82
CA TYR B 255 -10.08 -12.81 6.10
C TYR B 255 -8.56 -12.85 6.31
N PHE B 256 -8.07 -13.77 7.12
CA PHE B 256 -6.76 -13.59 7.72
C PHE B 256 -5.59 -13.81 6.76
N SER B 257 -5.68 -14.71 5.78
CA SER B 257 -4.52 -14.98 4.94
C SER B 257 -4.59 -14.23 3.59
N LEU B 258 -3.44 -14.23 2.86
CA LEU B 258 -3.33 -13.51 1.59
C LEU B 258 -3.82 -14.35 0.42
N PRO B 259 -4.38 -13.74 -0.62
CA PRO B 259 -4.85 -14.52 -1.76
C PRO B 259 -3.78 -15.38 -2.42
N ASN B 260 -2.52 -14.95 -2.47
CA ASN B 260 -1.48 -15.81 -3.04
C ASN B 260 -1.27 -17.08 -2.22
N SER B 261 -1.80 -17.15 -1.00
CA SER B 261 -1.48 -18.27 -0.13
C SER B 261 -2.30 -19.52 -0.47
N ILE B 262 -1.72 -20.68 -0.16
CA ILE B 262 -2.48 -21.91 -0.18
C ILE B 262 -2.62 -22.42 1.25
N VAL B 263 -3.58 -21.90 2.03
CA VAL B 263 -3.69 -22.40 3.41
C VAL B 263 -4.67 -23.56 3.46
N PHE B 264 -4.31 -24.58 4.24
CA PHE B 264 -5.09 -25.81 4.42
C PHE B 264 -5.32 -26.50 3.07
N GLY B 265 -4.36 -26.41 2.16
CA GLY B 265 -4.49 -27.09 0.88
C GLY B 265 -5.36 -26.42 -0.17
N ARG B 266 -6.06 -25.32 0.16
CA ARG B 266 -6.94 -24.60 -0.77
C ARG B 266 -6.36 -23.25 -1.20
N SER B 267 -6.72 -22.83 -2.41
CA SER B 267 -6.38 -21.48 -2.89
C SER B 267 -7.29 -20.44 -2.23
N VAL B 268 -6.72 -19.56 -1.41
CA VAL B 268 -7.51 -18.50 -0.76
C VAL B 268 -8.17 -17.60 -1.80
N TYR B 269 -7.48 -17.37 -2.92
CA TYR B 269 -8.09 -16.62 -4.02
C TYR B 269 -9.39 -17.29 -4.48
N GLU B 270 -9.36 -18.61 -4.71
CA GLU B 270 -10.57 -19.25 -5.19
C GLU B 270 -11.66 -19.20 -4.13
N SER B 271 -11.31 -19.34 -2.84
CA SER B 271 -12.33 -19.27 -1.79
C SER B 271 -13.08 -17.96 -1.85
N ARG B 272 -12.33 -16.83 -1.92
CA ARG B 272 -12.98 -15.52 -1.86
C ARG B 272 -13.72 -15.20 -3.13
N HIS B 273 -13.18 -15.61 -4.27
CA HIS B 273 -13.91 -15.43 -5.52
C HIS B 273 -15.24 -16.19 -5.51
N VAL B 274 -15.22 -17.44 -5.06
CA VAL B 274 -16.46 -18.21 -5.00
C VAL B 274 -17.45 -17.58 -4.01
N PHE B 275 -16.95 -17.09 -2.86
CA PHE B 275 -17.83 -16.41 -1.92
C PHE B 275 -18.55 -15.25 -2.61
N GLY B 276 -17.81 -14.47 -3.40
CA GLY B 276 -18.45 -13.39 -4.13
C GLY B 276 -19.53 -13.90 -5.08
N GLU B 277 -19.21 -14.96 -5.83
CA GLU B 277 -20.20 -15.57 -6.71
C GLU B 277 -21.46 -15.97 -5.95
N ILE B 278 -21.27 -16.58 -4.77
CA ILE B 278 -22.41 -17.05 -3.99
C ILE B 278 -23.28 -15.88 -3.57
N LEU B 279 -22.65 -14.81 -3.09
CA LEU B 279 -23.40 -13.61 -2.74
C LEU B 279 -24.23 -13.11 -3.91
N ALA B 280 -23.67 -13.14 -5.12
CA ALA B 280 -24.39 -12.60 -6.27
C ALA B 280 -25.56 -13.49 -6.67
N THR B 281 -25.39 -14.82 -6.64
CA THR B 281 -26.55 -15.67 -6.98
C THR B 281 -27.64 -15.50 -5.92
N GLU B 282 -27.27 -15.57 -4.64
CA GLU B 282 -28.26 -15.75 -3.60
C GLU B 282 -28.87 -14.47 -3.05
N SER B 283 -28.31 -13.30 -3.34
CA SER B 283 -28.94 -12.04 -2.90
C SER B 283 -28.70 -10.95 -3.93
N PRO B 284 -29.25 -11.12 -5.14
CA PRO B 284 -29.04 -10.13 -6.19
C PRO B 284 -29.91 -8.90 -5.98
N VAL B 285 -29.53 -7.82 -6.66
CA VAL B 285 -30.27 -6.57 -6.63
C VAL B 285 -29.91 -5.79 -7.89
N ASP B 286 -30.87 -5.02 -8.39
CA ASP B 286 -30.62 -4.15 -9.52
C ASP B 286 -29.51 -3.18 -9.16
N CYS B 287 -28.46 -3.14 -9.97
CA CYS B 287 -27.39 -2.22 -9.68
C CYS B 287 -26.66 -1.86 -10.96
N ASP B 288 -25.96 -0.74 -10.88
CA ASP B 288 -25.19 -0.26 -12.00
C ASP B 288 -23.72 -0.58 -11.87
N VAL B 289 -23.18 -0.65 -10.63
CA VAL B 289 -21.75 -0.91 -10.42
C VAL B 289 -21.56 -1.91 -9.30
N VAL B 290 -20.51 -2.72 -9.41
CA VAL B 290 -20.03 -3.53 -8.31
C VAL B 290 -18.63 -3.03 -7.96
N ILE B 291 -18.40 -2.72 -6.68
CA ILE B 291 -17.12 -2.22 -6.20
C ILE B 291 -16.75 -2.98 -4.93
N ALA B 292 -15.51 -2.81 -4.50
CA ALA B 292 -15.02 -3.48 -3.31
C ALA B 292 -14.62 -2.47 -2.26
N VAL B 293 -14.47 -2.95 -1.03
CA VAL B 293 -13.74 -2.21 0.00
C VAL B 293 -12.30 -2.70 -0.06
N PRO B 294 -11.36 -1.89 -0.56
CA PRO B 294 -10.01 -2.40 -0.83
C PRO B 294 -9.12 -2.36 0.40
N ASP B 295 -8.12 -3.25 0.42
CA ASP B 295 -7.86 -4.20 -0.65
C ASP B 295 -8.51 -5.56 -0.37
N SER B 296 -9.10 -5.74 0.83
CA SER B 296 -9.59 -7.06 1.22
C SER B 296 -10.60 -7.60 0.22
N GLY B 297 -11.72 -6.90 0.06
CA GLY B 297 -12.82 -7.42 -0.68
C GLY B 297 -12.76 -7.32 -2.18
N VAL B 298 -11.60 -6.99 -2.77
CA VAL B 298 -11.54 -6.89 -4.22
C VAL B 298 -11.83 -8.25 -4.85
N VAL B 299 -11.17 -9.31 -4.36
CA VAL B 299 -11.33 -10.61 -5.00
C VAL B 299 -12.78 -11.06 -4.94
N ALA B 300 -13.37 -11.09 -3.74
CA ALA B 300 -14.79 -11.43 -3.63
C ALA B 300 -15.65 -10.57 -4.55
N ALA B 301 -15.42 -9.25 -4.54
CA ALA B 301 -16.20 -8.38 -5.42
C ALA B 301 -16.03 -8.76 -6.88
N LEU B 302 -14.81 -9.11 -7.31
CA LEU B 302 -14.65 -9.57 -8.68
C LEU B 302 -15.61 -10.71 -8.97
N GLY B 303 -15.63 -11.72 -8.10
CA GLY B 303 -16.54 -12.83 -8.28
C GLY B 303 -18.00 -12.41 -8.29
N TYR B 304 -18.39 -11.54 -7.35
CA TYR B 304 -19.76 -11.03 -7.37
C TYR B 304 -20.05 -10.40 -8.74
N ALA B 305 -19.16 -9.54 -9.21
CA ALA B 305 -19.37 -8.88 -10.50
C ALA B 305 -19.51 -9.91 -11.61
N ALA B 306 -18.76 -11.02 -11.50
CA ALA B 306 -18.81 -12.01 -12.56
C ALA B 306 -20.20 -12.63 -12.64
N LYS B 307 -20.74 -13.04 -11.49
CA LYS B 307 -22.02 -13.73 -11.51
C LYS B 307 -23.16 -12.77 -11.83
N ALA B 308 -23.11 -11.58 -11.23
CA ALA B 308 -24.14 -10.57 -11.39
C ALA B 308 -24.21 -10.02 -12.80
N GLY B 309 -23.14 -10.14 -13.59
CA GLY B 309 -23.18 -9.58 -14.91
C GLY B 309 -23.13 -8.07 -15.00
N VAL B 310 -22.69 -7.36 -13.95
CA VAL B 310 -22.38 -5.94 -14.08
C VAL B 310 -20.90 -5.75 -13.77
N ALA B 311 -20.28 -4.78 -14.44
CA ALA B 311 -18.82 -4.69 -14.42
C ALA B 311 -18.31 -4.28 -13.04
N PHE B 312 -17.19 -4.87 -12.64
CA PHE B 312 -16.47 -4.34 -11.50
C PHE B 312 -15.76 -3.04 -11.87
N GLN B 313 -15.81 -2.07 -10.98
CA GLN B 313 -15.07 -0.82 -11.14
C GLN B 313 -14.40 -0.53 -9.81
N GLN B 314 -13.17 -0.01 -9.87
CA GLN B 314 -12.41 0.32 -8.66
C GLN B 314 -12.94 1.64 -8.11
N GLY B 315 -14.10 1.57 -7.45
CA GLY B 315 -14.79 2.76 -6.99
C GLY B 315 -14.17 3.40 -5.75
N LEU B 316 -13.40 2.63 -4.98
CA LEU B 316 -12.63 3.17 -3.87
C LEU B 316 -11.17 2.81 -4.09
N ILE B 317 -10.28 3.70 -3.68
CA ILE B 317 -8.84 3.49 -3.84
C ILE B 317 -8.23 3.57 -2.46
N ARG B 318 -7.57 2.49 -2.05
CA ARG B 318 -6.78 2.48 -0.82
C ARG B 318 -5.53 3.34 -1.03
N SER B 319 -5.19 4.14 -0.02
CA SER B 319 -3.96 4.93 -0.08
C SER B 319 -2.72 4.06 0.13
N HIS B 320 -1.65 4.32 -0.63
CA HIS B 320 -0.43 3.52 -0.44
C HIS B 320 0.28 3.87 0.86
N TYR B 321 0.09 5.09 1.37
CA TYR B 321 0.91 5.65 2.45
C TYR B 321 0.20 5.68 3.81
N VAL B 322 -0.73 4.73 4.05
CA VAL B 322 -1.41 4.66 5.34
C VAL B 322 -0.40 4.53 6.49
N GLY B 323 -0.65 5.18 7.62
CA GLY B 323 0.35 5.08 8.71
C GLY B 323 -0.12 4.46 10.00
N ARG B 324 -1.42 4.58 10.33
CA ARG B 324 -2.11 4.04 11.55
C ARG B 324 -1.88 4.92 12.80
N THR B 325 -1.09 5.98 12.66
CA THR B 325 -0.78 7.00 13.67
C THR B 325 -0.76 8.29 12.87
N PHE B 326 -1.88 9.00 12.85
CA PHE B 326 -1.93 10.13 11.94
C PHE B 326 -2.64 11.33 12.54
N ILE B 327 -2.14 12.50 12.12
CA ILE B 327 -2.63 13.79 12.54
C ILE B 327 -4.04 14.00 12.00
N GLU B 328 -4.83 14.82 12.70
CA GLU B 328 -6.17 15.10 12.27
C GLU B 328 -6.42 16.58 12.52
N PRO B 329 -7.19 17.24 11.65
CA PRO B 329 -7.54 18.64 11.90
C PRO B 329 -8.25 18.82 13.23
N SER B 330 -8.01 19.98 13.82
CA SER B 330 -8.66 20.45 15.07
C SER B 330 -10.13 20.66 14.73
N GLN B 331 -10.43 21.53 13.76
CA GLN B 331 -11.86 21.64 13.37
C GLN B 331 -12.21 20.25 12.86
N LYS B 332 -13.31 19.67 13.32
CA LYS B 332 -13.58 18.26 13.04
C LYS B 332 -13.87 17.96 11.57
N ILE B 333 -13.13 16.98 11.05
CA ILE B 333 -13.38 16.35 9.72
C ILE B 333 -13.84 14.98 10.16
N ARG B 334 -15.09 14.66 9.93
CA ARG B 334 -15.62 13.43 10.49
C ARG B 334 -15.13 12.23 9.69
N ASP B 335 -14.94 11.11 10.39
CA ASP B 335 -14.48 9.86 9.79
C ASP B 335 -13.11 10.02 9.14
N PHE B 336 -12.23 10.84 9.75
CA PHE B 336 -10.95 11.09 9.10
C PHE B 336 -10.11 9.83 8.99
N GLY B 337 -10.26 8.87 9.90
CA GLY B 337 -9.48 7.66 9.85
C GLY B 337 -9.67 6.90 8.54
N VAL B 338 -10.92 6.82 8.06
CA VAL B 338 -11.19 6.12 6.81
C VAL B 338 -10.85 7.00 5.62
N LYS B 339 -11.27 8.27 5.65
CA LYS B 339 -10.99 9.20 4.56
C LYS B 339 -9.49 9.31 4.32
N LEU B 340 -8.68 8.95 5.30
CA LEU B 340 -7.25 9.01 5.13
C LEU B 340 -6.70 7.77 4.46
N LYS B 341 -7.52 6.74 4.24
CA LYS B 341 -7.05 5.61 3.45
C LYS B 341 -7.98 5.13 2.35
N LEU B 342 -9.20 5.66 2.23
CA LEU B 342 -10.12 5.26 1.17
C LEU B 342 -10.60 6.50 0.43
N SER B 343 -10.34 6.56 -0.87
CA SER B 343 -10.74 7.72 -1.66
C SER B 343 -11.75 7.27 -2.71
N PRO B 344 -12.95 7.84 -2.74
CA PRO B 344 -13.94 7.44 -3.75
C PRO B 344 -13.71 8.12 -5.08
N VAL B 345 -14.01 7.38 -6.15
CA VAL B 345 -13.97 7.91 -7.51
C VAL B 345 -15.36 8.39 -7.86
N ARG B 346 -15.58 9.71 -7.84
CA ARG B 346 -16.92 10.21 -8.04
C ARG B 346 -17.46 9.81 -9.42
N GLY B 347 -16.58 9.74 -10.43
CA GLY B 347 -17.02 9.35 -11.76
C GLY B 347 -17.69 7.99 -11.77
N VAL B 348 -17.21 7.06 -10.95
CA VAL B 348 -17.72 5.70 -10.92
C VAL B 348 -19.02 5.61 -10.12
N LEU B 349 -19.23 6.52 -9.17
CA LEU B 349 -20.31 6.42 -8.20
C LEU B 349 -21.48 7.39 -8.45
N GLU B 350 -21.25 8.54 -9.09
CA GLU B 350 -22.26 9.58 -9.11
C GLU B 350 -23.52 9.09 -9.77
N GLY B 351 -24.60 9.07 -8.99
CA GLY B 351 -25.92 8.74 -9.51
C GLY B 351 -26.17 7.30 -9.77
N LYS B 352 -25.20 6.43 -9.45
CA LYS B 352 -25.30 5.00 -9.73
C LYS B 352 -25.85 4.23 -8.53
N ARG B 353 -26.34 3.05 -8.81
CA ARG B 353 -26.72 2.10 -7.78
C ARG B 353 -25.54 1.15 -7.56
N VAL B 354 -24.96 1.24 -6.37
CA VAL B 354 -23.67 0.64 -6.06
C VAL B 354 -23.90 -0.57 -5.17
N VAL B 355 -23.32 -1.70 -5.57
CA VAL B 355 -23.15 -2.87 -4.73
C VAL B 355 -21.70 -2.84 -4.24
N VAL B 356 -21.48 -2.70 -2.94
CA VAL B 356 -20.13 -2.67 -2.38
C VAL B 356 -19.90 -3.95 -1.57
N VAL B 357 -18.84 -4.69 -1.91
CA VAL B 357 -18.52 -5.99 -1.33
C VAL B 357 -17.42 -5.84 -0.29
N ASP B 358 -17.54 -6.57 0.81
CA ASP B 358 -16.57 -6.47 1.88
C ASP B 358 -16.51 -7.81 2.57
N ASP B 359 -15.44 -8.02 3.34
CA ASP B 359 -15.18 -9.38 3.79
C ASP B 359 -15.87 -9.72 5.10
N SER B 360 -16.19 -8.76 5.95
CA SER B 360 -16.88 -9.09 7.18
C SER B 360 -17.50 -7.85 7.77
N ILE B 361 -18.20 -8.11 8.86
CA ILE B 361 -18.80 -7.04 9.69
C ILE B 361 -18.79 -7.50 11.14
N VAL B 362 -17.85 -6.97 11.91
CA VAL B 362 -17.76 -7.32 13.36
C VAL B 362 -18.43 -6.21 14.18
N ARG B 363 -17.71 -5.13 14.40
CA ARG B 363 -18.24 -3.99 15.20
C ARG B 363 -19.36 -3.29 14.44
N GLY B 364 -19.15 -3.03 13.14
CA GLY B 364 -20.14 -2.33 12.32
C GLY B 364 -19.89 -0.84 12.32
N THR B 365 -18.88 -0.36 13.03
CA THR B 365 -18.75 1.08 13.03
C THR B 365 -18.15 1.59 11.72
N THR B 366 -17.25 0.83 11.11
CA THR B 366 -16.56 1.31 9.92
C THR B 366 -17.40 1.13 8.65
N SER B 367 -18.25 0.11 8.60
CA SER B 367 -19.16 -0.03 7.47
C SER B 367 -20.07 1.19 7.33
N SER B 368 -20.51 1.74 8.47
CA SER B 368 -21.32 2.95 8.40
C SER B 368 -20.53 4.09 7.78
N LYS B 369 -19.27 4.23 8.20
CA LYS B 369 -18.43 5.29 7.65
C LYS B 369 -18.26 5.13 6.16
N ILE B 370 -18.08 3.89 5.70
CA ILE B 370 -17.87 3.65 4.27
C ILE B 370 -19.14 3.94 3.48
N VAL B 371 -20.31 3.56 4.00
CA VAL B 371 -21.55 3.88 3.31
C VAL B 371 -21.70 5.40 3.19
N ARG B 372 -21.46 6.13 4.30
CA ARG B 372 -21.58 7.58 4.27
C ARG B 372 -20.62 8.17 3.24
N LEU B 373 -19.40 7.62 3.18
CA LEU B 373 -18.39 8.12 2.26
C LEU B 373 -18.86 7.96 0.80
N LEU B 374 -19.49 6.82 0.50
CA LEU B 374 -20.02 6.54 -0.83
C LEU B 374 -21.18 7.45 -1.18
N ARG B 375 -22.06 7.71 -0.21
CA ARG B 375 -23.20 8.58 -0.44
C ARG B 375 -22.76 10.01 -0.71
N GLU B 376 -21.87 10.55 0.15
CA GLU B 376 -21.28 11.85 -0.12
C GLU B 376 -20.64 11.92 -1.50
N ALA B 377 -20.21 10.79 -2.06
CA ALA B 377 -19.56 10.78 -3.37
C ALA B 377 -20.56 10.72 -4.52
N GLY B 378 -21.86 10.71 -4.23
CA GLY B 378 -22.86 10.77 -5.27
C GLY B 378 -23.60 9.48 -5.52
N ALA B 379 -23.38 8.45 -4.71
CA ALA B 379 -24.09 7.19 -4.90
C ALA B 379 -25.58 7.39 -4.63
N LYS B 380 -26.39 6.89 -5.56
CA LYS B 380 -27.85 6.92 -5.46
C LYS B 380 -28.37 5.80 -4.55
N GLU B 381 -27.77 4.62 -4.63
CA GLU B 381 -28.09 3.52 -3.72
C GLU B 381 -26.80 2.82 -3.33
N VAL B 382 -26.80 2.22 -2.15
CA VAL B 382 -25.62 1.55 -1.62
C VAL B 382 -26.07 0.20 -1.10
N HIS B 383 -25.81 -0.86 -1.86
CA HIS B 383 -26.17 -2.20 -1.43
C HIS B 383 -24.94 -2.92 -0.93
N MET B 384 -24.93 -3.24 0.36
CA MET B 384 -23.78 -3.88 1.01
C MET B 384 -23.87 -5.41 0.92
N ARG B 385 -22.74 -6.05 0.69
CA ARG B 385 -22.68 -7.50 0.51
C ARG B 385 -21.45 -8.01 1.22
N ILE B 386 -21.64 -8.89 2.20
CA ILE B 386 -20.56 -9.31 3.08
C ILE B 386 -20.13 -10.73 2.72
N ALA B 387 -18.87 -10.90 2.35
CA ALA B 387 -18.40 -12.17 1.85
C ALA B 387 -18.07 -13.09 3.00
N SER B 388 -18.99 -13.20 3.96
CA SER B 388 -18.81 -14.03 5.14
C SER B 388 -20.14 -14.17 5.87
N PRO B 389 -20.41 -15.28 6.55
CA PRO B 389 -21.61 -15.37 7.40
C PRO B 389 -21.51 -14.40 8.56
N PRO B 390 -22.62 -14.13 9.26
CA PRO B 390 -22.57 -13.21 10.40
C PRO B 390 -21.73 -13.76 11.55
N ILE B 391 -20.91 -12.89 12.12
CA ILE B 391 -19.98 -13.26 13.18
C ILE B 391 -20.66 -13.02 14.52
N ILE B 392 -20.99 -14.11 15.23
CA ILE B 392 -21.79 -14.04 16.43
C ILE B 392 -21.02 -14.42 17.69
N ALA B 393 -19.99 -15.27 17.58
CA ALA B 393 -19.26 -15.75 18.74
C ALA B 393 -17.81 -15.31 18.66
N SER B 394 -17.16 -15.22 19.81
CA SER B 394 -15.76 -14.81 19.85
C SER B 394 -14.85 -15.97 19.46
N CYS B 395 -13.70 -15.63 18.86
CA CYS B 395 -12.71 -16.66 18.57
C CYS B 395 -11.95 -16.99 19.85
N TYR B 396 -11.90 -18.28 20.16
CA TYR B 396 -11.14 -18.81 21.28
C TYR B 396 -9.85 -19.46 20.84
N TYR B 397 -9.36 -19.11 19.64
CA TYR B 397 -8.29 -19.90 19.08
C TYR B 397 -7.27 -19.01 18.37
N GLY B 398 -7.02 -17.83 18.92
CA GLY B 398 -5.77 -17.14 18.63
C GLY B 398 -5.82 -15.95 17.71
N VAL B 399 -7.00 -15.42 17.38
CA VAL B 399 -7.08 -14.14 16.69
C VAL B 399 -8.14 -13.31 17.43
N ASP B 400 -7.79 -12.08 17.77
CA ASP B 400 -8.59 -11.31 18.70
C ASP B 400 -9.86 -10.84 18.02
N THR B 401 -10.98 -11.21 18.61
CA THR B 401 -12.26 -10.62 18.30
C THR B 401 -12.79 -10.00 19.60
N PRO B 402 -13.57 -8.94 19.51
CA PRO B 402 -14.23 -8.41 20.70
C PRO B 402 -15.10 -9.46 21.38
N SER B 403 -15.56 -9.11 22.59
CA SER B 403 -16.45 -9.97 23.34
C SER B 403 -17.76 -10.21 22.57
N SER B 404 -18.51 -11.23 23.01
CA SER B 404 -19.71 -11.62 22.27
C SER B 404 -20.79 -10.54 22.28
N ASN B 405 -20.87 -9.73 23.33
CA ASN B 405 -21.87 -8.65 23.29
C ASN B 405 -21.43 -7.46 22.44
N GLU B 406 -20.15 -7.37 22.07
CA GLU B 406 -19.67 -6.29 21.20
C GLU B 406 -19.82 -6.61 19.71
N LEU B 407 -20.25 -7.82 19.36
CA LEU B 407 -20.41 -8.25 17.97
C LEU B 407 -21.79 -7.81 17.50
N ILE B 408 -21.84 -6.99 16.46
CA ILE B 408 -23.11 -6.38 16.07
C ILE B 408 -24.12 -7.43 15.60
N SER B 409 -23.67 -8.60 15.14
CA SER B 409 -24.65 -9.62 14.79
C SER B 409 -25.21 -10.35 16.01
N ASN B 410 -24.65 -10.13 17.19
CA ASN B 410 -25.25 -10.60 18.43
C ASN B 410 -26.36 -9.67 18.91
N ARG B 411 -26.18 -8.37 18.74
CA ARG B 411 -27.19 -7.43 19.18
C ARG B 411 -28.31 -7.31 18.16
N MET B 412 -27.97 -7.06 16.89
CA MET B 412 -28.95 -6.63 15.91
C MET B 412 -29.24 -7.71 14.88
N SER B 413 -30.42 -7.58 14.29
CA SER B 413 -30.89 -8.35 13.14
C SER B 413 -30.17 -7.88 11.88
N VAL B 414 -30.28 -8.67 10.80
CA VAL B 414 -29.70 -8.27 9.52
C VAL B 414 -30.34 -6.97 9.04
N ASP B 415 -31.67 -6.90 9.07
CA ASP B 415 -32.37 -5.66 8.74
C ASP B 415 -32.02 -4.55 9.74
N GLU B 416 -31.73 -4.91 10.99
CA GLU B 416 -31.34 -3.89 11.95
C GLU B 416 -29.96 -3.34 11.65
N ILE B 417 -29.00 -4.20 11.29
CA ILE B 417 -27.68 -3.74 10.88
C ILE B 417 -27.78 -2.91 9.60
N ARG B 418 -28.67 -3.32 8.70
CA ARG B 418 -28.90 -2.54 7.49
C ARG B 418 -29.30 -1.12 7.84
N ASP B 419 -30.25 -0.96 8.77
CA ASP B 419 -30.65 0.39 9.18
C ASP B 419 -29.52 1.13 9.88
N TYR B 420 -28.79 0.44 10.76
CA TYR B 420 -27.78 1.11 11.57
C TYR B 420 -26.66 1.68 10.69
N ILE B 421 -26.17 0.91 9.71
CA ILE B 421 -25.11 1.43 8.85
C ILE B 421 -25.62 2.31 7.72
N GLY B 422 -26.92 2.27 7.44
CA GLY B 422 -27.52 3.24 6.54
C GLY B 422 -27.44 2.90 5.07
N CYS B 423 -27.64 1.64 4.71
CA CYS B 423 -27.62 1.23 3.31
C CYS B 423 -28.98 0.68 2.89
N ASP B 424 -29.19 0.61 1.57
CA ASP B 424 -30.50 0.23 1.05
C ASP B 424 -30.78 -1.25 1.25
N SER B 425 -29.79 -2.12 1.06
CA SER B 425 -29.93 -3.55 1.33
C SER B 425 -28.67 -4.07 2.03
N LEU B 426 -28.76 -5.25 2.64
CA LEU B 426 -27.59 -5.83 3.28
C LEU B 426 -27.72 -7.35 3.27
N ALA B 427 -26.66 -8.04 2.86
CA ALA B 427 -26.75 -9.49 2.72
C ALA B 427 -25.45 -10.13 3.12
N PHE B 428 -25.53 -11.17 3.96
CA PHE B 428 -24.35 -11.94 4.34
C PHE B 428 -24.29 -13.24 3.53
N LEU B 429 -23.10 -13.82 3.50
CA LEU B 429 -22.90 -15.13 2.89
C LEU B 429 -23.60 -16.20 3.73
N SER B 430 -24.42 -17.03 3.10
CA SER B 430 -25.13 -18.08 3.83
C SER B 430 -24.16 -19.13 4.34
N PHE B 431 -24.27 -19.47 5.63
CA PHE B 431 -23.39 -20.47 6.23
C PHE B 431 -23.52 -21.83 5.53
N GLU B 432 -24.77 -22.18 5.20
CA GLU B 432 -25.06 -23.48 4.58
C GLU B 432 -24.44 -23.58 3.19
N THR B 433 -24.50 -22.51 2.39
CA THR B 433 -23.84 -22.53 1.08
C THR B 433 -22.33 -22.54 1.21
N LEU B 434 -21.78 -21.91 2.26
CA LEU B 434 -20.35 -22.04 2.53
C LEU B 434 -19.96 -23.50 2.74
N LYS B 435 -20.68 -24.19 3.64
CA LYS B 435 -20.43 -25.62 3.87
C LYS B 435 -20.61 -26.43 2.58
N LYS B 436 -21.59 -26.05 1.75
CA LYS B 436 -21.79 -26.74 0.48
C LYS B 436 -20.57 -26.59 -0.41
N HIS B 437 -20.04 -25.36 -0.52
CA HIS B 437 -18.84 -25.13 -1.34
C HIS B 437 -17.65 -25.93 -0.84
N LEU B 438 -17.50 -26.04 0.47
CA LEU B 438 -16.40 -26.86 0.99
C LEU B 438 -16.62 -28.34 0.67
N GLY B 439 -17.87 -28.81 0.75
CA GLY B 439 -18.22 -30.15 0.31
C GLY B 439 -17.64 -31.25 1.16
N GLU B 440 -16.69 -32.01 0.60
CA GLU B 440 -16.07 -33.11 1.34
C GLU B 440 -15.38 -32.59 2.58
N ASP B 441 -14.67 -31.48 2.46
CA ASP B 441 -13.91 -30.94 3.58
C ASP B 441 -14.74 -30.07 4.51
N SER B 442 -16.06 -30.01 4.36
CA SER B 442 -16.87 -29.20 5.27
C SER B 442 -16.70 -29.62 6.72
N ARG B 443 -16.31 -30.87 6.98
CA ARG B 443 -16.10 -31.35 8.34
C ARG B 443 -14.75 -30.93 8.92
N SER B 444 -13.83 -30.44 8.08
CA SER B 444 -12.44 -30.16 8.45
C SER B 444 -12.21 -28.73 8.95
N PHE B 445 -13.27 -27.99 9.33
CA PHE B 445 -13.12 -26.57 9.61
C PHE B 445 -13.86 -26.16 10.88
N CYS B 446 -13.23 -25.29 11.65
CA CYS B 446 -13.86 -24.67 12.79
C CYS B 446 -14.74 -23.55 12.29
N TYR B 447 -15.97 -23.50 12.78
CA TYR B 447 -16.89 -22.41 12.45
C TYR B 447 -17.43 -21.74 13.70
N ALA B 448 -16.73 -21.86 14.83
CA ALA B 448 -17.33 -21.43 16.09
C ALA B 448 -17.77 -19.98 16.07
N CYS B 449 -17.14 -19.12 15.27
CA CYS B 449 -17.54 -17.72 15.29
C CYS B 449 -18.84 -17.48 14.54
N PHE B 450 -19.31 -18.45 13.75
CA PHE B 450 -20.57 -18.36 13.03
C PHE B 450 -21.69 -19.12 13.71
N THR B 451 -21.35 -20.15 14.47
CA THR B 451 -22.30 -21.01 15.13
C THR B 451 -22.43 -20.71 16.62
N GLY B 452 -21.30 -20.62 17.33
CA GLY B 452 -21.29 -20.53 18.77
C GLY B 452 -20.83 -21.82 19.45
N ASP B 453 -20.71 -22.92 18.70
CA ASP B 453 -20.37 -24.23 19.26
C ASP B 453 -18.87 -24.45 19.09
N TYR B 454 -18.16 -24.60 20.22
CA TYR B 454 -16.71 -24.68 20.03
C TYR B 454 -16.23 -26.13 20.06
N PRO B 455 -15.33 -26.50 19.14
CA PRO B 455 -14.76 -27.87 19.18
C PRO B 455 -14.02 -28.17 20.47
N VAL B 456 -13.28 -27.20 21.02
CA VAL B 456 -12.56 -27.33 22.29
C VAL B 456 -13.15 -26.31 23.24
N LYS B 457 -13.73 -26.79 24.36
CA LYS B 457 -14.41 -25.71 25.08
C LYS B 457 -13.59 -25.20 26.26
N PRO B 458 -13.62 -23.89 26.48
CA PRO B 458 -12.92 -23.30 27.63
C PRO B 458 -13.33 -23.88 28.98
N THR B 459 -12.31 -24.33 29.75
CA THR B 459 -12.52 -24.96 31.06
C THR B 459 -12.81 -23.95 32.19
N GLU B 460 -12.38 -22.69 32.03
CA GLU B 460 -12.64 -21.58 32.96
C GLU B 460 -12.51 -20.27 32.16
N ASP B 461 -12.43 -19.14 32.88
CA ASP B 461 -12.23 -17.82 32.25
C ASP B 461 -10.96 -17.78 31.38
N LYS B 462 -11.09 -17.25 30.17
CA LYS B 462 -10.05 -17.42 29.16
C LYS B 462 -9.70 -16.09 28.48
N VAL B 463 -8.53 -16.09 27.82
CA VAL B 463 -7.84 -14.87 27.41
C VAL B 463 -7.52 -14.92 25.91
N LYS B 464 -7.14 -13.77 25.37
CA LYS B 464 -6.63 -13.64 23.98
C LYS B 464 -5.11 -13.84 24.18
N ARG B 465 -4.43 -14.61 23.35
CA ARG B 465 -3.02 -14.95 23.65
C ARG B 465 -2.10 -13.73 23.81
N GLY B 466 -2.31 -12.68 23.02
CA GLY B 466 -1.40 -11.52 23.14
C GLY B 466 -2.03 -10.27 23.75
N GLY B 467 -1.46 -9.82 24.87
CA GLY B 467 -1.82 -8.53 25.49
C GLY B 467 -0.61 -7.65 25.46
N ASP B 468 0.13 -7.60 26.57
CA ASP B 468 1.34 -6.78 26.64
C ASP B 468 2.25 -7.47 27.64
N PHE B 469 3.53 -7.08 27.65
CA PHE B 469 4.44 -7.54 28.71
C PHE B 469 4.50 -6.47 29.78
N ILE B 470 3.31 -6.39 30.40
CA ILE B 470 2.96 -5.55 31.52
C ILE B 470 2.19 -6.43 32.50
N ASP B 471 2.62 -6.40 33.77
CA ASP B 471 2.39 -7.48 34.71
C ASP B 471 1.46 -7.05 35.85
N ASP B 472 0.40 -7.85 36.09
CA ASP B 472 -0.78 -7.42 36.90
C ASP B 472 -0.54 -7.03 38.39
FE1 SF4 C . 5.56 13.98 -22.60
FE2 SF4 C . 4.95 16.61 -23.00
FE3 SF4 C . 6.72 15.90 -21.05
FE4 SF4 C . 4.09 15.32 -20.76
S1 SF4 C . 5.01 17.40 -20.87
S2 SF4 C . 5.83 13.91 -20.35
S3 SF4 C . 3.49 14.86 -22.91
S4 SF4 C . 6.99 15.63 -23.30
FE1 SF4 D . -13.95 -18.18 14.43
FE2 SF4 D . -13.14 -20.71 15.07
FE3 SF4 D . -11.84 -18.61 16.10
FE4 SF4 D . -11.60 -19.15 13.47
S1 SF4 D . -10.87 -20.45 15.20
S2 SF4 D . -11.96 -17.10 14.38
S3 SF4 D . -13.68 -19.93 13.00
S4 SF4 D . -14.01 -19.15 16.50
#